data_5SNK
#
_entry.id   5SNK
#
_cell.length_a   137.455
_cell.length_b   65.293
_cell.length_c   84.291
_cell.angle_alpha   90.000
_cell.angle_beta   93.420
_cell.angle_gamma   90.000
#
_symmetry.space_group_name_H-M   'C 1 2 1'
#
loop_
_entity.id
_entity.type
_entity.pdbx_description
1 polymer '3-oxoacyl-[acyl-carrier-protein] synthase 2'
2 non-polymer (2S)-1-{[(2H-1,3-benzodioxol-5-yl)methyl]amino}propan-2-ol
3 non-polymer 'DIMETHYL SULFOXIDE'
4 non-polymer 'PHOSPHATE ION'
5 water water
#
_entity_poly.entity_id   1
_entity_poly.type   'polypeptide(L)'
_entity_poly.pdbx_seq_one_letter_code
;MSRRRVVITGMGMLSPLGLDVPSSWEGILAGRSGIAPIEHMDLSAYSTRFGGSVKGFNVEEYLSAKEARKLDLFIQYGLA
ASFQAVRDSGLEVTDANRERIGVSMGSGIGGLTNIENNCRSLFEQGPRRISPFFVPGSIINMVSGFLSIHLGLQGPNYAL
TTAQTTGTHSIGMAARNIAYGEADVMVAGGSEMAACGLGLGGFGAARALSTRNDEPTRASRPWDRDRDGFVLSDGSGALV
LEELEHARARGARIYAELVGFGMSGDAFHMTAPPEDGAGAARCMKNALRDAGLDPRQVDYINAHGTSTPAGDIAEIAAVK
SVFGEHAHALSMSSTKSMTGHLLGAAGAVEAIFSVLALRDQVAPPTINLDNPDEGCDLDLVAHEAKPRKIDVALSNSFGF
GGTNGTLVFRRFAD
;
_entity_poly.pdbx_strand_id   A,B
#
loop_
_chem_comp.id
_chem_comp.type
_chem_comp.name
_chem_comp.formula
DMS non-polymer 'DIMETHYL SULFOXIDE' 'C2 H6 O S'
GOV non-polymer (2S)-1-{[(2H-1,3-benzodioxol-5-yl)methyl]amino}propan-2-ol 'C11 H15 N O3'
PO4 non-polymer 'PHOSPHATE ION' 'O4 P -3'
#
# COMPACT_ATOMS: atom_id res chain seq x y z
N SER A 2 -16.81 -17.82 -10.14
CA SER A 2 -17.34 -16.65 -10.94
C SER A 2 -17.77 -15.51 -10.02
N ARG A 3 -17.83 -14.29 -10.58
CA ARG A 3 -17.77 -13.04 -9.81
C ARG A 3 -18.97 -12.93 -8.87
N ARG A 4 -18.71 -12.80 -7.57
CA ARG A 4 -19.80 -12.71 -6.56
C ARG A 4 -20.14 -11.25 -6.31
N ARG A 5 -21.34 -11.02 -5.80
CA ARG A 5 -21.80 -9.65 -5.44
C ARG A 5 -21.27 -9.30 -4.05
N VAL A 6 -21.19 -8.01 -3.75
CA VAL A 6 -20.55 -7.47 -2.51
C VAL A 6 -21.39 -6.35 -1.93
N VAL A 7 -21.70 -6.45 -0.63
CA VAL A 7 -22.57 -5.45 0.04
C VAL A 7 -21.82 -4.89 1.24
N ILE A 8 -22.33 -3.76 1.73
CA ILE A 8 -21.82 -3.01 2.91
C ILE A 8 -22.75 -3.32 4.09
N THR A 9 -22.21 -3.92 5.14
CA THR A 9 -22.97 -4.40 6.32
C THR A 9 -22.50 -3.66 7.57
N GLY A 10 -21.48 -2.80 7.46
CA GLY A 10 -20.91 -2.09 8.62
C GLY A 10 -20.06 -0.92 8.22
N MET A 11 -20.06 0.15 9.01
CA MET A 11 -19.29 1.40 8.73
C MET A 11 -18.82 2.00 10.06
N GLY A 12 -17.65 2.63 10.05
CA GLY A 12 -17.13 3.33 11.22
C GLY A 12 -16.28 4.48 10.75
N MET A 13 -16.07 5.47 11.61
CA MET A 13 -15.46 6.74 11.19
C MET A 13 -15.02 7.57 12.40
N LEU A 14 -13.82 8.17 12.28
CA LEU A 14 -13.42 9.42 12.94
C LEU A 14 -13.20 10.47 11.84
N SER A 15 -13.82 11.63 12.02
CA SER A 15 -13.72 12.78 11.11
C SER A 15 -13.60 14.04 11.95
N PRO A 16 -13.30 15.19 11.32
CA PRO A 16 -13.38 16.48 12.01
C PRO A 16 -14.79 16.86 12.47
N LEU A 17 -15.81 16.08 12.09
CA LEU A 17 -17.23 16.38 12.41
C LEU A 17 -17.76 15.48 13.51
N GLY A 18 -17.06 14.40 13.87
CA GLY A 18 -17.55 13.45 14.89
C GLY A 18 -16.64 12.25 15.13
N LEU A 19 -16.88 11.56 16.23
CA LEU A 19 -16.11 10.38 16.70
C LEU A 19 -16.84 9.10 16.25
N ASP A 20 -17.84 9.22 15.39
CA ASP A 20 -18.48 8.05 14.73
C ASP A 20 -19.18 8.50 13.44
N VAL A 21 -19.90 7.58 12.82
CA VAL A 21 -20.66 7.81 11.56
C VAL A 21 -21.87 8.71 11.82
N PRO A 22 -22.79 8.37 12.76
CA PRO A 22 -24.03 9.12 12.92
C PRO A 22 -23.77 10.61 13.19
N SER A 23 -22.83 10.90 14.09
CA SER A 23 -22.46 12.26 14.54
C SER A 23 -21.82 13.04 13.38
N SER A 24 -20.91 12.39 12.64
CA SER A 24 -20.26 12.95 11.43
C SER A 24 -21.31 13.28 10.37
N TRP A 25 -22.23 12.34 10.11
CA TRP A 25 -23.30 12.45 9.08
C TRP A 25 -24.28 13.60 9.38
N GLU A 26 -24.65 13.78 10.66
N GLU A 26 -24.66 13.77 10.66
CA GLU A 26 -25.49 14.92 11.14
CA GLU A 26 -25.49 14.91 11.15
C GLU A 26 -24.79 16.24 10.80
C GLU A 26 -24.79 16.24 10.81
N GLY A 27 -23.46 16.30 10.97
CA GLY A 27 -22.67 17.51 10.67
C GLY A 27 -22.71 17.83 9.19
N ILE A 28 -22.55 16.79 8.36
CA ILE A 28 -22.65 16.79 6.86
C ILE A 28 -24.01 17.37 6.45
N LEU A 29 -25.10 16.81 6.95
CA LEU A 29 -26.45 17.17 6.46
C LEU A 29 -26.79 18.59 6.93
N ALA A 30 -26.16 19.09 8.01
CA ALA A 30 -26.39 20.44 8.56
C ALA A 30 -25.40 21.50 8.01
N GLY A 31 -24.43 21.11 7.18
CA GLY A 31 -23.53 22.06 6.52
C GLY A 31 -22.50 22.62 7.50
N ARG A 32 -22.16 21.86 8.53
CA ARG A 32 -21.26 22.29 9.61
C ARG A 32 -19.82 22.06 9.11
N SER A 33 -18.89 23.01 9.34
CA SER A 33 -17.43 22.86 9.16
C SER A 33 -16.81 22.21 10.42
N GLY A 34 -15.89 21.26 10.21
CA GLY A 34 -15.03 20.71 11.26
C GLY A 34 -13.65 21.35 11.23
N ILE A 35 -13.49 22.47 10.52
CA ILE A 35 -12.15 23.10 10.32
C ILE A 35 -11.99 24.23 11.35
N ALA A 36 -10.81 24.30 11.97
CA ALA A 36 -10.50 25.20 13.10
C ALA A 36 -8.99 25.37 13.18
N PRO A 37 -8.49 26.49 13.77
CA PRO A 37 -7.06 26.61 13.98
C PRO A 37 -6.60 25.36 14.76
N ILE A 38 -5.41 24.86 14.46
CA ILE A 38 -4.83 23.67 15.11
C ILE A 38 -4.27 24.05 16.49
N GLU A 39 -4.53 23.21 17.48
CA GLU A 39 -4.21 23.43 18.92
C GLU A 39 -3.09 22.50 19.40
N HIS A 40 -2.77 21.42 18.70
CA HIS A 40 -1.90 20.34 19.26
C HIS A 40 -0.43 20.68 19.03
N MET A 41 -0.14 21.80 18.38
CA MET A 41 1.25 22.25 18.17
C MET A 41 1.24 23.72 17.80
N ASP A 42 2.40 24.37 17.90
CA ASP A 42 2.64 25.79 17.56
C ASP A 42 2.90 25.93 16.04
N LEU A 43 1.99 26.56 15.29
CA LEU A 43 2.17 26.75 13.82
C LEU A 43 2.49 28.22 13.47
N SER A 44 3.03 29.05 14.38
CA SER A 44 3.21 30.48 14.08
C SER A 44 4.17 30.66 12.89
N ALA A 45 5.18 29.80 12.70
CA ALA A 45 6.18 29.90 11.60
C ALA A 45 5.69 29.26 10.28
N TYR A 46 4.48 28.69 10.27
CA TYR A 46 3.86 27.99 9.11
C TYR A 46 2.93 28.97 8.38
N SER A 47 2.75 28.76 7.08
CA SER A 47 1.85 29.59 6.24
C SER A 47 0.40 29.09 6.39
N THR A 48 0.20 27.86 6.91
CA THR A 48 -1.16 27.33 7.21
C THR A 48 -1.20 26.85 8.66
N ARG A 49 -2.19 27.31 9.42
CA ARG A 49 -2.24 27.17 10.90
C ARG A 49 -3.53 26.48 11.34
N PHE A 50 -4.28 25.92 10.41
CA PHE A 50 -5.61 25.31 10.62
C PHE A 50 -5.76 24.04 9.78
N GLY A 51 -6.81 23.26 10.08
CA GLY A 51 -7.07 21.90 9.56
C GLY A 51 -8.27 21.27 10.24
N GLY A 52 -8.69 20.10 9.79
CA GLY A 52 -9.77 19.31 10.43
C GLY A 52 -9.19 18.27 11.37
N SER A 53 -9.04 18.63 12.63
CA SER A 53 -8.52 17.73 13.69
C SER A 53 -9.68 16.84 14.11
N VAL A 54 -9.40 15.64 14.58
CA VAL A 54 -10.37 14.80 15.34
C VAL A 54 -10.43 15.38 16.75
N LYS A 55 -11.60 15.84 17.23
CA LYS A 55 -11.75 16.51 18.55
C LYS A 55 -12.14 15.49 19.62
N GLY A 56 -11.42 15.43 20.73
CA GLY A 56 -11.83 14.65 21.93
C GLY A 56 -11.87 13.15 21.69
N PHE A 57 -11.02 12.66 20.79
CA PHE A 57 -10.84 11.22 20.56
C PHE A 57 -10.27 10.61 21.83
N ASN A 58 -10.94 9.59 22.36
CA ASN A 58 -10.44 8.78 23.51
C ASN A 58 -10.07 7.36 23.03
N VAL A 59 -8.77 7.13 22.87
CA VAL A 59 -8.27 5.80 22.38
C VAL A 59 -8.66 4.67 23.35
N GLU A 60 -8.96 5.00 24.60
CA GLU A 60 -9.30 4.02 25.69
C GLU A 60 -10.77 3.60 25.61
N GLU A 61 -11.50 4.05 24.59
CA GLU A 61 -12.78 3.43 24.16
C GLU A 61 -12.47 2.17 23.37
N TYR A 62 -11.20 1.86 23.05
CA TYR A 62 -10.84 0.85 22.03
C TYR A 62 -9.67 -0.01 22.49
N LEU A 63 -8.68 0.62 23.08
CA LEU A 63 -7.37 -0.02 23.34
C LEU A 63 -6.92 0.35 24.76
N SER A 64 -6.01 -0.43 25.33
CA SER A 64 -5.29 -0.11 26.60
C SER A 64 -4.38 1.10 26.36
N ALA A 65 -4.19 1.97 27.35
CA ALA A 65 -3.28 3.12 27.26
C ALA A 65 -1.87 2.57 26.94
N LYS A 66 -1.52 1.38 27.46
CA LYS A 66 -0.17 0.76 27.26
C LYS A 66 0.10 0.39 25.78
N GLU A 67 -0.91 -0.09 25.06
N GLU A 67 -0.94 -0.09 25.10
CA GLU A 67 -0.80 -0.37 23.60
CA GLU A 67 -0.91 -0.37 23.64
C GLU A 67 -0.88 0.94 22.81
C GLU A 67 -0.87 0.96 22.88
N ALA A 68 -1.86 1.80 23.13
CA ALA A 68 -2.08 3.10 22.42
C ALA A 68 -0.78 3.91 22.32
N ARG A 69 -0.05 4.01 23.42
N ARG A 69 -0.02 3.98 23.42
CA ARG A 69 1.22 4.78 23.52
CA ARG A 69 1.21 4.80 23.52
C ARG A 69 2.20 4.31 22.44
C ARG A 69 2.30 4.27 22.58
N LYS A 70 2.18 3.03 22.08
CA LYS A 70 3.15 2.44 21.09
C LYS A 70 2.76 2.78 19.64
N LEU A 71 1.58 3.32 19.39
CA LEU A 71 0.99 3.41 18.02
C LEU A 71 0.85 4.86 17.61
N ASP A 72 1.26 5.20 16.40
CA ASP A 72 0.92 6.51 15.78
C ASP A 72 -0.59 6.74 15.76
N LEU A 73 -0.99 8.02 15.87
CA LEU A 73 -2.41 8.40 15.80
C LEU A 73 -3.11 7.81 14.56
N PHE A 74 -2.44 7.74 13.40
CA PHE A 74 -3.11 7.22 12.16
C PHE A 74 -3.55 5.77 12.42
N ILE A 75 -2.75 5.02 13.18
CA ILE A 75 -3.07 3.60 13.48
C ILE A 75 -4.19 3.60 14.50
N GLN A 76 -4.12 4.42 15.55
CA GLN A 76 -5.21 4.49 16.54
C GLN A 76 -6.50 4.83 15.79
N TYR A 77 -6.46 5.79 14.88
CA TYR A 77 -7.68 6.28 14.16
C TYR A 77 -8.26 5.12 13.32
N GLY A 78 -7.38 4.41 12.61
CA GLY A 78 -7.72 3.26 11.77
C GLY A 78 -8.40 2.14 12.51
N LEU A 79 -7.85 1.76 13.66
CA LEU A 79 -8.42 0.72 14.57
C LEU A 79 -9.79 1.16 15.11
N ALA A 80 -9.92 2.43 15.57
CA ALA A 80 -11.20 2.96 16.10
C ALA A 80 -12.28 2.78 15.03
N ALA A 81 -12.01 3.26 13.83
CA ALA A 81 -12.97 3.13 12.71
C ALA A 81 -13.19 1.64 12.36
N SER A 82 -12.14 0.83 12.33
CA SER A 82 -12.24 -0.61 12.00
C SER A 82 -13.13 -1.30 13.06
N PHE A 83 -12.89 -1.03 14.35
CA PHE A 83 -13.67 -1.61 15.46
C PHE A 83 -15.12 -1.21 15.33
N GLN A 84 -15.38 0.09 15.13
CA GLN A 84 -16.76 0.59 14.90
C GLN A 84 -17.43 -0.20 13.78
N ALA A 85 -16.75 -0.36 12.66
CA ALA A 85 -17.37 -0.95 11.44
C ALA A 85 -17.74 -2.41 11.74
N VAL A 86 -16.86 -3.10 12.44
CA VAL A 86 -17.09 -4.53 12.75
C VAL A 86 -18.28 -4.67 13.72
N ARG A 87 -18.29 -3.90 14.81
N ARG A 87 -18.31 -3.90 14.81
CA ARG A 87 -19.43 -3.88 15.77
CA ARG A 87 -19.44 -3.89 15.76
C ARG A 87 -20.72 -3.60 14.99
C ARG A 87 -20.74 -3.58 15.01
N ASP A 88 -20.71 -2.53 14.17
CA ASP A 88 -21.89 -2.10 13.37
C ASP A 88 -22.36 -3.24 12.44
N SER A 89 -21.46 -4.12 11.97
CA SER A 89 -21.81 -5.24 11.08
C SER A 89 -22.58 -6.36 11.82
N GLY A 90 -22.41 -6.52 13.13
CA GLY A 90 -23.01 -7.66 13.87
C GLY A 90 -22.29 -8.97 13.61
N LEU A 91 -21.18 -8.97 12.88
CA LEU A 91 -20.52 -10.21 12.48
C LEU A 91 -19.74 -10.74 13.68
N GLU A 92 -19.82 -12.05 13.94
CA GLU A 92 -19.03 -12.78 14.97
C GLU A 92 -17.93 -13.55 14.24
N VAL A 93 -16.68 -13.32 14.61
CA VAL A 93 -15.50 -14.07 14.12
C VAL A 93 -15.45 -15.41 14.87
N THR A 94 -15.35 -16.52 14.15
CA THR A 94 -15.31 -17.89 14.71
C THR A 94 -14.20 -18.68 14.03
N ASP A 95 -13.92 -19.91 14.48
CA ASP A 95 -12.96 -20.81 13.80
C ASP A 95 -13.49 -21.15 12.40
N ALA A 96 -14.81 -21.19 12.21
CA ALA A 96 -15.45 -21.58 10.93
C ALA A 96 -15.18 -20.51 9.86
N ASN A 97 -14.93 -19.25 10.24
CA ASN A 97 -14.94 -18.12 9.25
C ASN A 97 -13.71 -17.21 9.39
N ARG A 98 -12.88 -17.37 10.42
CA ARG A 98 -11.76 -16.42 10.66
C ARG A 98 -10.83 -16.44 9.43
N GLU A 99 -10.81 -17.52 8.65
CA GLU A 99 -9.84 -17.61 7.54
C GLU A 99 -10.41 -16.88 6.32
N ARG A 100 -11.70 -16.56 6.34
CA ARG A 100 -12.44 -15.95 5.22
C ARG A 100 -12.66 -14.44 5.45
N ILE A 101 -12.05 -13.88 6.50
CA ILE A 101 -12.20 -12.44 6.89
C ILE A 101 -10.81 -11.81 6.90
N GLY A 102 -10.62 -10.80 6.07
CA GLY A 102 -9.33 -10.12 5.90
C GLY A 102 -9.50 -8.65 6.16
N VAL A 103 -8.44 -7.87 5.99
CA VAL A 103 -8.48 -6.40 6.23
C VAL A 103 -7.53 -5.71 5.24
N SER A 104 -7.97 -4.60 4.70
CA SER A 104 -7.17 -3.71 3.84
C SER A 104 -7.46 -2.28 4.26
N MET A 105 -6.71 -1.81 5.23
CA MET A 105 -6.79 -0.43 5.72
C MET A 105 -5.48 0.24 5.35
N GLY A 106 -5.59 1.34 4.60
CA GLY A 106 -4.45 2.05 4.02
C GLY A 106 -4.22 3.41 4.63
N SER A 107 -3.13 4.02 4.21
CA SER A 107 -2.84 5.42 4.57
C SER A 107 -1.95 6.03 3.47
N GLY A 108 -2.02 7.35 3.31
CA GLY A 108 -1.22 8.07 2.30
C GLY A 108 0.22 8.20 2.76
N ILE A 109 0.39 8.68 3.99
CA ILE A 109 1.70 9.12 4.57
C ILE A 109 2.06 8.21 5.75
N GLY A 110 1.09 7.68 6.48
CA GLY A 110 1.31 6.84 7.66
C GLY A 110 1.88 7.63 8.83
N GLY A 111 2.86 7.10 9.53
CA GLY A 111 3.16 7.51 10.91
C GLY A 111 4.14 8.70 10.94
N LEU A 112 3.81 9.76 10.20
CA LEU A 112 4.76 10.89 9.98
C LEU A 112 5.07 11.56 11.33
N THR A 113 4.05 11.74 12.18
CA THR A 113 4.20 12.32 13.55
C THR A 113 5.23 11.50 14.32
N ASN A 114 5.01 10.19 14.32
CA ASN A 114 5.86 9.25 15.08
C ASN A 114 7.27 9.34 14.50
N ILE A 115 7.39 9.34 13.18
CA ILE A 115 8.73 9.26 12.53
C ILE A 115 9.49 10.56 12.82
N GLU A 116 8.77 11.68 12.85
CA GLU A 116 9.29 13.02 13.12
C GLU A 116 9.85 13.04 14.56
N ASN A 117 9.00 12.64 15.52
CA ASN A 117 9.37 12.60 16.96
C ASN A 117 10.62 11.78 17.19
N ASN A 118 10.69 10.61 16.56
CA ASN A 118 11.85 9.69 16.72
C ASN A 118 13.04 10.32 16.00
N CYS A 119 12.82 11.02 14.89
CA CYS A 119 13.90 11.77 14.19
C CYS A 119 14.49 12.84 15.12
N ARG A 120 13.65 13.62 15.78
CA ARG A 120 14.01 14.62 16.82
C ARG A 120 14.87 13.95 17.92
N SER A 121 14.38 12.87 18.54
CA SER A 121 15.13 12.07 19.54
C SER A 121 16.51 11.64 19.01
N LEU A 122 16.55 11.12 17.79
CA LEU A 122 17.80 10.69 17.11
C LEU A 122 18.76 11.86 16.99
N PHE A 123 18.30 13.04 16.61
CA PHE A 123 19.20 14.13 16.18
C PHE A 123 19.71 14.87 17.42
N GLU A 124 18.88 14.93 18.45
CA GLU A 124 19.13 15.78 19.63
C GLU A 124 19.75 14.92 20.73
N GLN A 125 19.48 13.61 20.75
CA GLN A 125 19.89 12.75 21.88
C GLN A 125 20.73 11.55 21.41
N GLY A 126 20.44 10.99 20.24
CA GLY A 126 21.19 9.82 19.72
C GLY A 126 20.25 8.68 19.42
N PRO A 127 20.77 7.62 18.77
CA PRO A 127 19.95 6.50 18.31
C PRO A 127 19.31 5.69 19.43
N ARG A 128 19.93 5.72 20.62
CA ARG A 128 19.48 4.94 21.80
C ARG A 128 18.21 5.54 22.38
N ARG A 129 17.78 6.74 21.93
CA ARG A 129 16.47 7.26 22.38
C ARG A 129 15.36 6.92 21.37
N ILE A 130 15.63 6.15 20.30
CA ILE A 130 14.54 5.77 19.33
C ILE A 130 13.67 4.72 20.05
N SER A 131 12.35 4.84 20.00
CA SER A 131 11.41 3.85 20.55
C SER A 131 11.69 2.47 19.97
N PRO A 132 11.69 1.41 20.80
CA PRO A 132 11.67 0.04 20.26
C PRO A 132 10.43 -0.24 19.39
N PHE A 133 9.35 0.55 19.53
CA PHE A 133 8.09 0.41 18.77
C PHE A 133 8.06 1.31 17.52
N PHE A 134 9.14 2.02 17.21
CA PHE A 134 9.19 2.96 16.07
C PHE A 134 8.65 2.30 14.79
N VAL A 135 9.13 1.11 14.42
CA VAL A 135 8.75 0.44 13.13
C VAL A 135 7.34 -0.12 13.23
N PRO A 136 7.00 -1.05 14.16
CA PRO A 136 5.64 -1.60 14.18
C PRO A 136 4.59 -0.51 14.48
N GLY A 137 5.00 0.61 15.08
CA GLY A 137 4.06 1.68 15.49
C GLY A 137 3.90 2.81 14.48
N SER A 138 4.62 2.78 13.35
CA SER A 138 4.65 3.85 12.33
C SER A 138 4.30 3.33 10.93
N ILE A 139 4.69 2.11 10.53
CA ILE A 139 4.53 1.68 9.09
C ILE A 139 3.07 1.37 8.76
N ILE A 140 2.71 1.50 7.49
CA ILE A 140 1.31 1.75 7.07
C ILE A 140 0.48 0.49 7.27
N ASN A 141 1.10 -0.69 7.13
CA ASN A 141 0.36 -1.98 7.11
C ASN A 141 -0.07 -2.40 8.52
N MET A 142 0.22 -1.57 9.54
CA MET A 142 0.02 -2.01 10.95
C MET A 142 -1.42 -1.72 11.38
N VAL A 143 -2.21 -0.98 10.61
CA VAL A 143 -3.68 -0.95 10.90
C VAL A 143 -4.26 -2.37 10.65
N SER A 144 -3.97 -2.90 9.47
CA SER A 144 -4.36 -4.27 9.03
C SER A 144 -3.79 -5.31 10.01
N GLY A 145 -2.55 -5.12 10.41
CA GLY A 145 -1.85 -6.02 11.34
C GLY A 145 -2.56 -6.06 12.67
N PHE A 146 -2.65 -4.91 13.35
CA PHE A 146 -3.15 -4.83 14.73
C PHE A 146 -4.64 -5.23 14.75
N LEU A 147 -5.37 -4.91 13.68
CA LEU A 147 -6.81 -5.28 13.61
C LEU A 147 -6.93 -6.79 13.62
N SER A 148 -6.15 -7.45 12.77
N SER A 148 -6.17 -7.46 12.75
CA SER A 148 -6.15 -8.93 12.61
CA SER A 148 -6.11 -8.94 12.61
C SER A 148 -5.77 -9.61 13.94
C SER A 148 -5.78 -9.59 13.95
N ILE A 149 -4.76 -9.07 14.64
CA ILE A 149 -4.30 -9.58 15.97
C ILE A 149 -5.44 -9.43 16.98
N HIS A 150 -6.07 -8.26 17.09
CA HIS A 150 -7.16 -7.99 18.07
C HIS A 150 -8.43 -8.78 17.77
N LEU A 151 -8.78 -9.03 16.51
CA LEU A 151 -10.07 -9.70 16.17
C LEU A 151 -9.89 -11.17 15.74
N GLY A 152 -8.67 -11.60 15.42
CA GLY A 152 -8.41 -12.99 14.96
C GLY A 152 -8.76 -13.19 13.49
N LEU A 153 -8.56 -12.16 12.66
CA LEU A 153 -8.81 -12.18 11.20
C LEU A 153 -7.60 -12.83 10.52
N GLN A 154 -7.82 -13.96 9.85
CA GLN A 154 -6.70 -14.70 9.23
C GLN A 154 -6.82 -14.66 7.70
N GLY A 155 -7.81 -13.95 7.17
CA GLY A 155 -7.92 -13.75 5.70
C GLY A 155 -6.84 -12.84 5.11
N PRO A 156 -6.94 -12.50 3.82
CA PRO A 156 -5.98 -11.59 3.18
C PRO A 156 -5.75 -10.34 4.03
N ASN A 157 -4.49 -10.04 4.25
CA ASN A 157 -4.08 -8.98 5.18
C ASN A 157 -3.11 -8.08 4.43
N TYR A 158 -3.51 -6.87 4.08
CA TYR A 158 -2.61 -5.95 3.33
C TYR A 158 -3.00 -4.51 3.52
N ALA A 159 -2.25 -3.63 2.87
CA ALA A 159 -2.50 -2.19 2.92
C ALA A 159 -2.07 -1.54 1.59
N LEU A 160 -2.91 -0.66 1.06
CA LEU A 160 -2.54 0.20 -0.10
C LEU A 160 -2.00 1.53 0.41
N THR A 161 -1.13 2.14 -0.36
CA THR A 161 -0.73 3.53 -0.16
C THR A 161 -0.73 4.17 -1.53
N THR A 162 -1.81 4.84 -1.88
CA THR A 162 -1.94 5.52 -3.20
C THR A 162 -2.32 6.96 -2.94
N ALA A 163 -1.68 7.57 -1.94
CA ALA A 163 -1.82 9.01 -1.67
C ALA A 163 -3.30 9.33 -1.43
N GLN A 164 -3.83 10.36 -2.07
CA GLN A 164 -5.21 10.84 -1.77
C GLN A 164 -6.25 9.87 -2.34
N THR A 165 -5.84 8.78 -2.97
CA THR A 165 -6.77 7.79 -3.58
C THR A 165 -6.86 6.55 -2.70
N THR A 166 -6.08 6.51 -1.63
CA THR A 166 -5.88 5.29 -0.83
C THR A 166 -7.20 4.66 -0.40
N GLY A 167 -8.13 5.43 0.19
CA GLY A 167 -9.36 4.85 0.77
C GLY A 167 -10.24 4.23 -0.30
N THR A 168 -10.31 4.84 -1.46
CA THR A 168 -11.16 4.34 -2.57
C THR A 168 -10.56 3.03 -3.09
N HIS A 169 -9.27 3.03 -3.40
CA HIS A 169 -8.54 1.83 -3.88
C HIS A 169 -8.68 0.71 -2.86
N SER A 170 -8.47 1.02 -1.56
CA SER A 170 -8.50 0.02 -0.47
C SER A 170 -9.85 -0.68 -0.52
N ILE A 171 -10.91 0.11 -0.64
CA ILE A 171 -12.30 -0.38 -0.62
C ILE A 171 -12.55 -1.21 -1.87
N GLY A 172 -12.18 -0.68 -3.06
CA GLY A 172 -12.38 -1.29 -4.38
C GLY A 172 -11.72 -2.65 -4.49
N MET A 173 -10.42 -2.73 -4.14
N MET A 173 -10.45 -2.77 -4.08
CA MET A 173 -9.61 -3.98 -4.21
CA MET A 173 -9.67 -4.02 -4.23
C MET A 173 -10.16 -5.01 -3.20
C MET A 173 -10.05 -5.04 -3.14
N ALA A 174 -10.53 -4.59 -1.99
CA ALA A 174 -11.17 -5.48 -0.98
C ALA A 174 -12.47 -6.09 -1.57
N ALA A 175 -13.28 -5.32 -2.29
CA ALA A 175 -14.46 -5.83 -3.02
C ALA A 175 -14.03 -6.85 -4.08
N ARG A 176 -12.97 -6.59 -4.83
CA ARG A 176 -12.43 -7.56 -5.81
C ARG A 176 -12.04 -8.85 -5.07
N ASN A 177 -11.41 -8.75 -3.91
CA ASN A 177 -11.06 -9.95 -3.10
C ASN A 177 -12.31 -10.83 -2.89
N ILE A 178 -13.42 -10.23 -2.56
CA ILE A 178 -14.64 -10.98 -2.19
C ILE A 178 -15.28 -11.47 -3.48
N ALA A 179 -15.43 -10.58 -4.44
CA ALA A 179 -15.92 -10.86 -5.79
C ALA A 179 -15.26 -12.15 -6.32
N TYR A 180 -13.95 -12.29 -6.20
CA TYR A 180 -13.18 -13.39 -6.84
C TYR A 180 -13.05 -14.60 -5.91
N GLY A 181 -13.59 -14.58 -4.69
CA GLY A 181 -13.59 -15.77 -3.79
C GLY A 181 -12.37 -15.85 -2.87
N GLU A 182 -11.49 -14.84 -2.84
CA GLU A 182 -10.28 -14.88 -1.98
C GLU A 182 -10.69 -14.70 -0.50
N ALA A 183 -11.85 -14.09 -0.24
CA ALA A 183 -12.40 -13.81 1.11
C ALA A 183 -13.91 -13.72 0.99
N ASP A 184 -14.65 -13.83 2.08
CA ASP A 184 -16.10 -13.53 2.12
C ASP A 184 -16.36 -12.22 2.84
N VAL A 185 -15.44 -11.78 3.68
CA VAL A 185 -15.56 -10.51 4.42
C VAL A 185 -14.22 -9.77 4.37
N MET A 186 -14.29 -8.45 4.20
CA MET A 186 -13.11 -7.57 4.27
C MET A 186 -13.53 -6.31 5.02
N VAL A 187 -12.68 -5.92 5.97
CA VAL A 187 -12.67 -4.58 6.62
C VAL A 187 -11.72 -3.69 5.82
N ALA A 188 -12.23 -2.68 5.16
CA ALA A 188 -11.41 -1.88 4.23
C ALA A 188 -11.70 -0.38 4.41
N GLY A 189 -10.68 0.44 4.20
CA GLY A 189 -10.79 1.89 4.17
C GLY A 189 -9.41 2.48 4.34
N GLY A 190 -9.31 3.55 5.10
CA GLY A 190 -8.02 4.19 5.37
C GLY A 190 -8.09 5.13 6.53
N SER A 191 -6.91 5.59 6.91
CA SER A 191 -6.71 6.51 8.05
C SER A 191 -5.52 7.41 7.75
N GLU A 192 -5.61 8.60 8.28
CA GLU A 192 -4.52 9.58 8.10
C GLU A 192 -4.46 10.47 9.33
N MET A 193 -3.24 10.83 9.72
N MET A 193 -3.23 10.85 9.68
CA MET A 193 -2.95 11.94 10.66
CA MET A 193 -2.91 11.90 10.66
C MET A 193 -1.60 12.53 10.24
C MET A 193 -1.58 12.53 10.24
N ALA A 194 -1.62 13.48 9.31
CA ALA A 194 -0.41 14.07 8.71
C ALA A 194 -0.21 15.51 9.22
N ALA A 195 -0.93 15.92 10.26
CA ALA A 195 -0.84 17.27 10.88
C ALA A 195 0.29 17.27 11.90
N CYS A 196 1.51 17.13 11.39
CA CYS A 196 2.78 17.39 12.12
C CYS A 196 3.52 18.46 11.31
N GLY A 197 4.69 18.90 11.78
CA GLY A 197 5.50 19.93 11.11
C GLY A 197 5.79 19.56 9.67
N LEU A 198 6.22 18.32 9.44
CA LEU A 198 6.68 17.85 8.12
C LEU A 198 5.47 17.80 7.18
N GLY A 199 4.30 17.44 7.70
CA GLY A 199 3.05 17.38 6.89
C GLY A 199 2.58 18.77 6.48
N LEU A 200 2.37 19.63 7.47
CA LEU A 200 1.88 21.00 7.18
C LEU A 200 2.97 21.78 6.47
N GLY A 201 4.22 21.67 6.93
CA GLY A 201 5.37 22.27 6.28
C GLY A 201 5.49 21.76 4.85
N GLY A 202 5.31 20.45 4.63
CA GLY A 202 5.64 19.82 3.34
C GLY A 202 4.62 20.22 2.27
N PHE A 203 3.33 20.09 2.58
CA PHE A 203 2.26 20.63 1.69
C PHE A 203 2.40 22.16 1.59
N GLY A 204 2.83 22.83 2.66
CA GLY A 204 3.14 24.27 2.67
C GLY A 204 4.23 24.62 1.66
N ALA A 205 5.36 23.93 1.68
CA ALA A 205 6.48 24.14 0.74
C ALA A 205 5.93 24.06 -0.68
N ALA A 206 4.92 23.22 -0.96
CA ALA A 206 4.44 22.94 -2.33
C ALA A 206 3.34 23.94 -2.65
N ARG A 207 2.96 24.76 -1.69
CA ARG A 207 1.97 25.84 -1.88
C ARG A 207 0.61 25.24 -2.27
N ALA A 208 0.32 23.99 -1.81
CA ALA A 208 -0.91 23.20 -2.09
C ALA A 208 -2.05 23.55 -1.13
N LEU A 209 -1.76 24.10 0.06
CA LEU A 209 -2.76 24.33 1.16
C LEU A 209 -3.39 25.73 1.07
N SER A 210 -4.68 25.84 1.43
CA SER A 210 -5.31 27.15 1.69
C SER A 210 -4.52 27.85 2.78
N THR A 211 -4.26 29.16 2.61
CA THR A 211 -3.58 29.94 3.67
C THR A 211 -4.59 30.88 4.34
N ARG A 212 -5.88 30.55 4.32
CA ARG A 212 -6.95 31.41 4.91
C ARG A 212 -6.98 31.23 6.43
N ASN A 213 -5.90 31.62 7.09
CA ASN A 213 -5.70 31.40 8.55
C ASN A 213 -6.75 32.17 9.33
N ASP A 214 -7.24 33.28 8.78
CA ASP A 214 -8.19 34.16 9.49
C ASP A 214 -9.65 33.74 9.32
N GLU A 215 -9.95 32.76 8.48
CA GLU A 215 -11.35 32.28 8.33
C GLU A 215 -11.32 30.80 7.97
N PRO A 216 -10.85 29.92 8.89
CA PRO A 216 -10.62 28.51 8.55
C PRO A 216 -11.87 27.77 8.07
N THR A 217 -13.08 28.12 8.54
CA THR A 217 -14.30 27.35 8.18
C THR A 217 -14.67 27.68 6.73
N ARG A 218 -14.17 28.78 6.16
CA ARG A 218 -14.52 29.20 4.78
C ARG A 218 -13.37 28.87 3.82
N ALA A 219 -12.26 28.28 4.28
CA ALA A 219 -11.04 27.98 3.48
C ALA A 219 -11.33 26.96 2.37
N SER A 220 -11.93 25.82 2.72
CA SER A 220 -12.33 24.72 1.80
C SER A 220 -13.59 25.13 1.02
N ARG A 221 -13.46 25.44 -0.26
CA ARG A 221 -14.57 26.05 -1.05
C ARG A 221 -14.48 25.50 -2.46
N PRO A 222 -14.73 24.17 -2.59
CA PRO A 222 -14.67 23.50 -3.87
C PRO A 222 -15.48 24.21 -4.96
N TRP A 223 -14.83 24.56 -6.08
CA TRP A 223 -15.45 25.15 -7.33
C TRP A 223 -15.70 26.64 -7.11
N ASP A 224 -15.45 27.16 -5.91
CA ASP A 224 -15.65 28.60 -5.65
C ASP A 224 -14.52 29.37 -6.34
N ARG A 225 -14.81 30.53 -6.94
CA ARG A 225 -13.74 31.29 -7.64
C ARG A 225 -12.65 31.73 -6.64
N ASP A 226 -12.88 31.76 -5.33
CA ASP A 226 -11.86 32.31 -4.39
C ASP A 226 -11.12 31.18 -3.66
N ARG A 227 -11.19 29.94 -4.13
CA ARG A 227 -10.47 28.78 -3.54
C ARG A 227 -8.95 28.96 -3.73
N ASP A 228 -8.13 28.49 -2.79
CA ASP A 228 -6.65 28.74 -2.80
C ASP A 228 -5.88 27.52 -2.30
N GLY A 229 -6.43 26.30 -2.46
CA GLY A 229 -5.77 25.04 -2.05
C GLY A 229 -6.60 24.21 -1.07
N PHE A 230 -6.12 23.02 -0.75
CA PHE A 230 -6.94 22.08 0.03
C PHE A 230 -6.67 22.38 1.50
N VAL A 231 -7.55 21.85 2.32
CA VAL A 231 -7.45 21.95 3.81
C VAL A 231 -7.11 20.54 4.30
N LEU A 232 -6.09 20.45 5.16
CA LEU A 232 -5.54 19.17 5.65
C LEU A 232 -6.34 18.71 6.87
N SER A 233 -6.91 17.51 6.78
CA SER A 233 -7.77 16.90 7.82
C SER A 233 -7.30 15.48 8.13
N ASP A 234 -7.68 15.06 9.34
CA ASP A 234 -7.27 13.81 10.01
C ASP A 234 -8.53 12.96 10.21
N GLY A 235 -8.32 11.67 10.33
CA GLY A 235 -9.40 10.75 10.69
C GLY A 235 -9.26 9.46 9.94
N SER A 236 -10.39 8.76 9.79
N SER A 236 -10.36 8.73 9.81
CA SER A 236 -10.46 7.33 9.40
CA SER A 236 -10.40 7.35 9.28
C SER A 236 -11.87 7.00 8.92
C SER A 236 -11.84 6.95 8.96
N GLY A 237 -11.98 6.06 7.97
CA GLY A 237 -13.25 5.44 7.57
C GLY A 237 -12.97 3.96 7.36
N ALA A 238 -13.87 3.12 7.82
CA ALA A 238 -13.80 1.65 7.62
C ALA A 238 -15.21 1.17 7.26
N LEU A 239 -15.30 0.27 6.32
CA LEU A 239 -16.55 -0.41 5.92
C LEU A 239 -16.31 -1.91 6.05
N VAL A 240 -17.36 -2.65 6.42
CA VAL A 240 -17.38 -4.12 6.28
C VAL A 240 -18.04 -4.45 4.95
N LEU A 241 -17.24 -5.02 4.04
CA LEU A 241 -17.63 -5.54 2.70
C LEU A 241 -17.85 -7.04 2.90
N GLU A 242 -18.86 -7.59 2.24
CA GLU A 242 -19.35 -8.96 2.52
C GLU A 242 -20.02 -9.54 1.28
N GLU A 243 -19.67 -10.76 0.91
CA GLU A 243 -20.40 -11.50 -0.13
C GLU A 243 -21.89 -11.46 0.22
N LEU A 244 -22.71 -11.12 -0.76
CA LEU A 244 -24.18 -10.93 -0.65
C LEU A 244 -24.82 -12.15 0.02
N GLU A 245 -24.43 -13.36 -0.39
CA GLU A 245 -25.12 -14.61 0.06
C GLU A 245 -24.70 -14.86 1.50
N HIS A 246 -23.42 -14.62 1.84
CA HIS A 246 -22.90 -14.69 3.23
C HIS A 246 -23.70 -13.68 4.08
N ALA A 247 -23.95 -12.47 3.58
CA ALA A 247 -24.71 -11.48 4.36
C ALA A 247 -26.15 -11.97 4.53
N ARG A 248 -26.73 -12.53 3.48
CA ARG A 248 -28.15 -13.00 3.46
C ARG A 248 -28.28 -14.13 4.48
N ALA A 249 -27.39 -15.12 4.39
CA ALA A 249 -27.34 -16.31 5.26
C ALA A 249 -27.39 -15.89 6.73
N ARG A 250 -26.65 -14.86 7.16
CA ARG A 250 -26.59 -14.47 8.59
C ARG A 250 -27.65 -13.40 8.93
N GLY A 251 -28.54 -13.03 8.00
CA GLY A 251 -29.53 -11.95 8.22
C GLY A 251 -28.88 -10.59 8.51
N ALA A 252 -27.78 -10.24 7.85
CA ALA A 252 -27.11 -8.94 8.05
C ALA A 252 -28.01 -7.82 7.56
N ARG A 253 -27.97 -6.68 8.21
CA ARG A 253 -28.52 -5.42 7.66
C ARG A 253 -27.57 -4.98 6.55
N ILE A 254 -28.09 -4.77 5.35
CA ILE A 254 -27.28 -4.35 4.18
C ILE A 254 -27.55 -2.87 3.92
N TYR A 255 -26.54 -2.02 4.01
CA TYR A 255 -26.69 -0.59 3.71
C TYR A 255 -26.86 -0.34 2.20
N ALA A 256 -26.10 -1.05 1.38
CA ALA A 256 -25.96 -0.83 -0.06
C ALA A 256 -25.10 -1.93 -0.66
N GLU A 257 -25.15 -2.02 -1.99
CA GLU A 257 -24.31 -2.91 -2.79
C GLU A 257 -23.23 -2.07 -3.47
N LEU A 258 -22.00 -2.57 -3.43
N LEU A 258 -22.00 -2.59 -3.45
CA LEU A 258 -20.87 -2.04 -4.22
CA LEU A 258 -20.85 -2.05 -4.21
C LEU A 258 -20.86 -2.77 -5.56
C LEU A 258 -20.83 -2.77 -5.57
N VAL A 259 -21.27 -2.08 -6.63
CA VAL A 259 -21.48 -2.69 -7.98
C VAL A 259 -20.33 -2.36 -8.92
N GLY A 260 -19.48 -1.40 -8.59
CA GLY A 260 -18.54 -0.83 -9.58
C GLY A 260 -17.27 -0.32 -8.93
N PHE A 261 -16.16 -0.65 -9.59
CA PHE A 261 -14.83 -0.12 -9.22
C PHE A 261 -14.01 0.11 -10.49
N GLY A 262 -13.49 1.33 -10.56
CA GLY A 262 -12.57 1.75 -11.61
C GLY A 262 -11.29 2.28 -11.01
N MET A 263 -10.22 2.00 -11.70
CA MET A 263 -8.92 2.62 -11.53
C MET A 263 -8.47 3.03 -12.91
N SER A 264 -7.66 4.06 -12.96
CA SER A 264 -6.87 4.42 -14.15
C SER A 264 -5.69 5.27 -13.67
N GLY A 265 -4.64 5.40 -14.47
CA GLY A 265 -3.59 6.41 -14.26
C GLY A 265 -3.70 7.49 -15.29
N ASP A 266 -3.48 8.73 -14.89
CA ASP A 266 -3.42 9.90 -15.79
C ASP A 266 -2.18 9.76 -16.68
N ALA A 267 -1.07 9.33 -16.10
CA ALA A 267 0.25 9.34 -16.77
C ALA A 267 0.51 10.78 -17.26
N PHE A 268 0.10 11.79 -16.48
CA PHE A 268 0.22 13.22 -16.88
C PHE A 268 1.34 13.91 -16.08
N HIS A 269 1.19 14.02 -14.75
CA HIS A 269 2.05 14.85 -13.88
C HIS A 269 2.11 14.24 -12.47
N MET A 270 3.22 14.46 -11.76
CA MET A 270 3.48 13.88 -10.41
C MET A 270 2.39 14.34 -9.47
N THR A 271 1.89 15.58 -9.62
CA THR A 271 0.99 16.23 -8.62
C THR A 271 -0.20 16.94 -9.26
N ALA A 272 -0.12 17.39 -10.50
CA ALA A 272 -1.20 18.17 -11.15
C ALA A 272 -2.09 17.23 -11.98
N PRO A 273 -3.42 17.41 -11.94
CA PRO A 273 -4.32 16.64 -12.80
C PRO A 273 -4.35 17.27 -14.18
N PRO A 274 -4.62 16.55 -15.27
CA PRO A 274 -4.86 17.22 -16.55
C PRO A 274 -6.10 18.13 -16.46
N GLU A 275 -6.03 19.33 -17.00
CA GLU A 275 -7.14 20.33 -17.06
C GLU A 275 -8.47 19.70 -17.56
N ASP A 276 -8.42 18.82 -18.57
CA ASP A 276 -9.63 18.20 -19.18
C ASP A 276 -10.16 17.01 -18.36
N GLY A 277 -9.47 16.56 -17.33
CA GLY A 277 -9.94 15.46 -16.48
C GLY A 277 -9.97 14.13 -17.20
N ALA A 278 -9.12 13.94 -18.24
CA ALA A 278 -9.07 12.72 -19.11
C ALA A 278 -8.91 11.43 -18.25
N GLY A 279 -8.06 11.44 -17.23
CA GLY A 279 -7.76 10.25 -16.41
C GLY A 279 -8.93 9.87 -15.53
N ALA A 280 -9.54 10.88 -14.92
CA ALA A 280 -10.78 10.78 -14.13
C ALA A 280 -11.94 10.27 -14.99
N ALA A 281 -11.99 10.68 -16.27
CA ALA A 281 -13.07 10.29 -17.19
C ALA A 281 -12.91 8.81 -17.48
N ARG A 282 -11.68 8.40 -17.80
CA ARG A 282 -11.33 6.95 -18.05
C ARG A 282 -11.77 6.13 -16.84
N CYS A 283 -11.40 6.58 -15.64
CA CYS A 283 -11.66 5.86 -14.36
C CYS A 283 -13.18 5.68 -14.14
N MET A 284 -13.96 6.75 -14.26
CA MET A 284 -15.43 6.70 -14.06
C MET A 284 -16.07 5.77 -15.09
N LYS A 285 -15.65 5.87 -16.36
CA LYS A 285 -16.18 5.01 -17.45
C LYS A 285 -15.85 3.56 -17.13
N ASN A 286 -14.63 3.26 -16.70
CA ASN A 286 -14.24 1.91 -16.23
C ASN A 286 -15.22 1.44 -15.15
N ALA A 287 -15.46 2.28 -14.14
CA ALA A 287 -16.32 1.92 -12.99
C ALA A 287 -17.77 1.69 -13.48
N LEU A 288 -18.29 2.51 -14.40
CA LEU A 288 -19.70 2.39 -14.81
C LEU A 288 -19.87 1.12 -15.65
N ARG A 289 -18.88 0.82 -16.48
CA ARG A 289 -18.88 -0.39 -17.34
C ARG A 289 -18.81 -1.61 -16.41
N ASP A 290 -17.91 -1.58 -15.42
CA ASP A 290 -17.77 -2.58 -14.34
C ASP A 290 -19.11 -2.83 -13.67
N ALA A 291 -19.92 -1.78 -13.46
CA ALA A 291 -21.23 -1.91 -12.79
C ALA A 291 -22.36 -2.32 -13.78
N GLY A 292 -22.12 -2.46 -15.07
CA GLY A 292 -23.17 -2.73 -16.08
C GLY A 292 -24.21 -1.61 -16.14
N LEU A 293 -23.82 -0.36 -15.94
CA LEU A 293 -24.79 0.78 -15.88
C LEU A 293 -24.80 1.62 -17.17
N ASP A 294 -25.98 2.14 -17.49
CA ASP A 294 -26.14 3.37 -18.31
C ASP A 294 -25.69 4.58 -17.47
N PRO A 295 -24.81 5.47 -17.93
CA PRO A 295 -24.39 6.61 -17.12
C PRO A 295 -25.58 7.46 -16.63
N ARG A 296 -26.71 7.47 -17.36
CA ARG A 296 -27.92 8.22 -16.92
C ARG A 296 -28.50 7.63 -15.62
N GLN A 297 -28.05 6.48 -15.13
CA GLN A 297 -28.56 5.90 -13.85
C GLN A 297 -27.90 6.64 -12.67
N VAL A 298 -26.80 7.34 -12.92
CA VAL A 298 -26.06 8.02 -11.81
C VAL A 298 -26.88 9.23 -11.31
N ASP A 299 -27.24 9.21 -10.01
CA ASP A 299 -28.05 10.25 -9.33
C ASP A 299 -27.14 11.21 -8.58
N TYR A 300 -26.10 10.71 -7.91
CA TYR A 300 -25.28 11.47 -6.94
C TYR A 300 -23.81 11.12 -7.17
N ILE A 301 -22.98 12.14 -7.27
CA ILE A 301 -21.51 11.99 -7.25
C ILE A 301 -20.95 12.70 -6.01
N ASN A 302 -20.24 11.98 -5.15
CA ASN A 302 -19.39 12.57 -4.08
C ASN A 302 -18.05 12.81 -4.74
N ALA A 303 -17.82 14.05 -5.14
CA ALA A 303 -16.61 14.46 -5.86
C ALA A 303 -15.37 14.32 -4.98
N HIS A 304 -14.22 14.20 -5.59
CA HIS A 304 -12.93 14.41 -4.90
C HIS A 304 -13.00 15.84 -4.32
N GLY A 305 -13.21 16.84 -5.19
CA GLY A 305 -13.54 18.23 -4.80
C GLY A 305 -12.62 18.79 -3.70
N THR A 306 -11.32 18.92 -3.96
CA THR A 306 -10.29 19.28 -2.93
C THR A 306 -10.19 20.80 -2.62
N SER A 307 -10.75 21.66 -3.48
CA SER A 307 -10.66 23.15 -3.36
C SER A 307 -9.29 23.65 -3.88
N THR A 308 -8.64 22.90 -4.76
CA THR A 308 -7.52 23.42 -5.58
C THR A 308 -8.08 23.96 -6.88
N PRO A 309 -7.46 25.03 -7.42
CA PRO A 309 -7.84 25.58 -8.72
C PRO A 309 -7.95 24.51 -9.83
N ALA A 310 -6.92 23.69 -10.02
CA ALA A 310 -6.86 22.82 -11.21
C ALA A 310 -7.70 21.55 -10.99
N GLY A 311 -7.70 21.02 -9.76
CA GLY A 311 -8.37 19.75 -9.41
C GLY A 311 -9.87 19.86 -9.61
N ASP A 312 -10.46 20.91 -9.05
CA ASP A 312 -11.92 21.17 -9.05
C ASP A 312 -12.41 21.23 -10.50
N ILE A 313 -11.75 22.01 -11.34
CA ILE A 313 -12.21 22.30 -12.72
C ILE A 313 -12.03 21.05 -13.60
N ALA A 314 -10.94 20.32 -13.40
CA ALA A 314 -10.65 19.04 -14.07
C ALA A 314 -11.84 18.09 -13.86
N GLU A 315 -12.41 18.11 -12.64
CA GLU A 315 -13.49 17.18 -12.26
C GLU A 315 -14.75 17.56 -12.98
N ILE A 316 -15.02 18.85 -13.12
CA ILE A 316 -16.24 19.28 -13.86
C ILE A 316 -16.13 18.72 -15.28
N ALA A 317 -14.99 18.96 -15.93
CA ALA A 317 -14.69 18.54 -17.31
C ALA A 317 -14.90 17.02 -17.43
N ALA A 318 -14.39 16.24 -16.47
CA ALA A 318 -14.46 14.75 -16.48
C ALA A 318 -15.92 14.32 -16.45
N VAL A 319 -16.70 14.96 -15.56
CA VAL A 319 -18.13 14.60 -15.37
C VAL A 319 -18.92 14.98 -16.62
N LYS A 320 -18.68 16.17 -17.17
CA LYS A 320 -19.35 16.62 -18.43
C LYS A 320 -19.01 15.64 -19.56
N SER A 321 -17.75 15.25 -19.67
CA SER A 321 -17.30 14.36 -20.75
C SER A 321 -17.94 12.95 -20.56
N VAL A 322 -18.02 12.43 -19.34
CA VAL A 322 -18.58 11.08 -19.06
C VAL A 322 -20.11 11.09 -19.23
N PHE A 323 -20.79 12.13 -18.76
CA PHE A 323 -22.26 12.08 -18.60
C PHE A 323 -23.02 12.91 -19.63
N GLY A 324 -22.34 13.77 -20.40
CA GLY A 324 -22.98 14.58 -21.43
C GLY A 324 -24.15 15.36 -20.84
N GLU A 325 -25.33 15.33 -21.48
CA GLU A 325 -26.49 16.13 -21.03
C GLU A 325 -26.94 15.65 -19.63
N HIS A 326 -26.70 14.38 -19.27
CA HIS A 326 -27.05 13.88 -17.91
C HIS A 326 -26.15 14.53 -16.85
N ALA A 327 -25.01 15.11 -17.22
CA ALA A 327 -24.16 15.89 -16.27
C ALA A 327 -24.99 16.99 -15.61
N HIS A 328 -26.06 17.45 -16.28
CA HIS A 328 -26.96 18.53 -15.81
C HIS A 328 -28.12 18.00 -14.95
N ALA A 329 -28.28 16.70 -14.73
CA ALA A 329 -29.42 16.10 -14.01
C ALA A 329 -29.00 15.54 -12.64
N LEU A 330 -27.88 14.82 -12.61
CA LEU A 330 -27.30 14.29 -11.36
C LEU A 330 -26.91 15.46 -10.42
N SER A 331 -26.74 15.17 -9.15
CA SER A 331 -26.18 16.11 -8.13
C SER A 331 -24.75 15.69 -7.82
N MET A 332 -23.84 16.65 -7.71
CA MET A 332 -22.44 16.40 -7.34
C MET A 332 -22.08 17.32 -6.20
N SER A 333 -21.45 16.80 -5.15
CA SER A 333 -20.96 17.66 -4.05
C SER A 333 -19.62 17.16 -3.52
N SER A 334 -18.91 18.09 -2.92
CA SER A 334 -17.67 17.79 -2.18
C SER A 334 -17.95 18.01 -0.68
N THR A 335 -17.97 16.93 0.09
CA THR A 335 -18.10 17.02 1.56
C THR A 335 -16.79 17.54 2.17
N LYS A 336 -15.71 17.60 1.39
CA LYS A 336 -14.43 18.29 1.74
C LYS A 336 -14.68 19.77 2.06
N SER A 337 -15.77 20.35 1.58
CA SER A 337 -16.25 21.70 1.97
C SER A 337 -16.38 21.77 3.49
N MET A 338 -16.74 20.67 4.15
CA MET A 338 -17.00 20.61 5.60
C MET A 338 -15.88 19.86 6.35
N THR A 339 -15.44 18.70 5.85
CA THR A 339 -14.46 17.79 6.51
C THR A 339 -13.01 18.25 6.29
N GLY A 340 -12.74 18.97 5.19
CA GLY A 340 -11.39 19.07 4.63
C GLY A 340 -10.96 17.78 3.97
N HIS A 341 -9.69 17.70 3.59
CA HIS A 341 -9.07 16.61 2.79
C HIS A 341 -8.37 15.63 3.72
N LEU A 342 -8.98 14.46 3.95
CA LEU A 342 -8.42 13.47 4.91
C LEU A 342 -7.39 12.61 4.17
N LEU A 343 -7.00 12.99 2.95
CA LEU A 343 -5.89 12.36 2.20
C LEU A 343 -6.26 10.88 1.99
N GLY A 344 -5.42 9.97 2.46
CA GLY A 344 -5.64 8.52 2.32
C GLY A 344 -6.94 8.05 2.94
N ALA A 345 -7.49 8.74 3.97
CA ALA A 345 -8.81 8.40 4.56
C ALA A 345 -9.95 9.05 3.78
N ALA A 346 -9.65 10.00 2.88
CA ALA A 346 -10.68 10.76 2.12
C ALA A 346 -11.68 9.82 1.41
N GLY A 347 -11.19 8.83 0.66
CA GLY A 347 -12.04 7.92 -0.12
C GLY A 347 -12.88 7.07 0.81
N ALA A 348 -12.38 6.85 2.02
CA ALA A 348 -13.03 5.96 3.02
C ALA A 348 -14.23 6.68 3.64
N VAL A 349 -14.05 7.87 4.21
CA VAL A 349 -15.19 8.63 4.79
C VAL A 349 -16.20 8.96 3.67
N GLU A 350 -15.72 9.27 2.48
CA GLU A 350 -16.59 9.72 1.38
C GLU A 350 -17.38 8.55 0.83
N ALA A 351 -16.81 7.35 0.83
CA ALA A 351 -17.58 6.14 0.47
C ALA A 351 -18.72 5.98 1.48
N ILE A 352 -18.47 6.24 2.77
CA ILE A 352 -19.51 6.14 3.84
C ILE A 352 -20.61 7.19 3.58
N PHE A 353 -20.22 8.39 3.19
CA PHE A 353 -21.18 9.49 2.98
C PHE A 353 -22.03 9.14 1.76
N SER A 354 -21.43 8.50 0.77
CA SER A 354 -22.07 8.08 -0.51
C SER A 354 -23.16 7.03 -0.18
N VAL A 355 -22.83 6.07 0.67
CA VAL A 355 -23.77 5.02 1.15
C VAL A 355 -24.92 5.68 1.94
N LEU A 356 -24.58 6.57 2.87
CA LEU A 356 -25.59 7.30 3.68
C LEU A 356 -26.46 8.18 2.78
N ALA A 357 -25.95 8.73 1.68
CA ALA A 357 -26.76 9.49 0.69
C ALA A 357 -27.80 8.54 0.10
N LEU A 358 -27.42 7.28 -0.12
CA LEU A 358 -28.37 6.25 -0.65
C LEU A 358 -29.40 5.89 0.45
N ARG A 359 -28.97 5.70 1.70
CA ARG A 359 -29.87 5.26 2.79
C ARG A 359 -30.94 6.33 3.01
N ASP A 360 -30.53 7.59 3.10
CA ASP A 360 -31.38 8.72 3.54
C ASP A 360 -31.94 9.51 2.35
N GLN A 361 -31.51 9.22 1.14
CA GLN A 361 -32.06 9.84 -0.09
C GLN A 361 -31.83 11.36 -0.03
N VAL A 362 -30.59 11.76 0.20
CA VAL A 362 -30.24 13.20 0.28
C VAL A 362 -28.84 13.40 -0.30
N ALA A 363 -28.67 14.46 -1.10
CA ALA A 363 -27.37 14.93 -1.57
C ALA A 363 -26.79 15.88 -0.51
N PRO A 364 -25.65 15.53 0.09
CA PRO A 364 -24.94 16.45 0.97
C PRO A 364 -24.49 17.72 0.26
N PRO A 365 -24.40 18.85 0.99
CA PRO A 365 -24.07 20.13 0.36
C PRO A 365 -22.58 20.32 0.07
N THR A 366 -22.28 21.14 -0.91
CA THR A 366 -20.96 21.83 -0.95
C THR A 366 -21.16 23.17 -0.25
N ILE A 367 -20.76 23.29 1.00
CA ILE A 367 -20.80 24.62 1.71
C ILE A 367 -19.72 25.50 1.06
N ASN A 368 -19.89 26.83 1.22
CA ASN A 368 -18.88 27.89 0.87
C ASN A 368 -18.85 28.18 -0.64
N LEU A 369 -19.75 27.57 -1.41
CA LEU A 369 -19.80 27.73 -2.90
C LEU A 369 -20.62 28.98 -3.23
N ASP A 370 -20.05 30.15 -2.93
CA ASP A 370 -20.72 31.47 -2.99
C ASP A 370 -20.69 31.96 -4.43
N ASN A 371 -19.59 31.74 -5.17
CA ASN A 371 -19.43 32.16 -6.58
C ASN A 371 -18.78 31.01 -7.36
N PRO A 372 -19.61 30.07 -7.89
CA PRO A 372 -19.09 29.00 -8.73
C PRO A 372 -18.16 29.57 -9.80
N ASP A 373 -17.05 28.90 -10.10
CA ASP A 373 -16.03 29.40 -11.04
C ASP A 373 -16.51 29.16 -12.48
N GLU A 374 -15.83 29.80 -13.42
CA GLU A 374 -16.06 29.63 -14.86
C GLU A 374 -16.23 28.13 -15.12
N GLY A 375 -17.32 27.76 -15.78
CA GLY A 375 -17.63 26.38 -16.24
C GLY A 375 -18.20 25.48 -15.16
N CYS A 376 -18.24 25.92 -13.89
CA CYS A 376 -18.71 25.09 -12.76
C CYS A 376 -20.23 25.25 -12.62
N ASP A 377 -20.98 24.83 -13.65
CA ASP A 377 -22.40 25.18 -13.87
C ASP A 377 -23.30 23.94 -13.69
N LEU A 378 -22.84 22.92 -12.96
CA LEU A 378 -23.64 21.70 -12.69
C LEU A 378 -24.42 21.90 -11.37
N ASP A 379 -25.32 20.99 -11.04
CA ASP A 379 -25.94 20.98 -9.69
C ASP A 379 -24.86 20.55 -8.68
N LEU A 380 -24.22 21.51 -8.02
CA LEU A 380 -23.15 21.22 -7.06
C LEU A 380 -23.66 21.29 -5.61
N VAL A 381 -24.98 21.26 -5.43
CA VAL A 381 -25.70 21.32 -4.13
C VAL A 381 -25.09 22.41 -3.25
N ALA A 382 -24.89 23.62 -3.78
CA ALA A 382 -24.37 24.78 -3.01
C ALA A 382 -25.14 24.94 -1.68
N HIS A 383 -24.43 25.08 -0.57
CA HIS A 383 -24.95 25.68 0.70
C HIS A 383 -25.75 24.66 1.52
N GLU A 384 -26.73 23.97 0.92
CA GLU A 384 -27.77 23.21 1.67
C GLU A 384 -27.98 21.81 1.10
N ALA A 385 -28.14 20.84 2.00
CA ALA A 385 -28.44 19.43 1.66
C ALA A 385 -29.68 19.44 0.78
N LYS A 386 -29.72 18.57 -0.23
CA LYS A 386 -30.86 18.48 -1.18
C LYS A 386 -31.49 17.09 -1.12
N PRO A 387 -32.69 16.93 -0.52
CA PRO A 387 -33.42 15.67 -0.56
C PRO A 387 -33.68 15.30 -2.03
N ARG A 388 -33.45 14.07 -2.47
CA ARG A 388 -33.71 13.69 -3.88
C ARG A 388 -33.58 12.18 -4.05
N LYS A 389 -34.09 11.72 -5.18
CA LYS A 389 -33.99 10.30 -5.58
C LYS A 389 -32.50 10.00 -5.89
N ILE A 390 -31.96 9.02 -5.17
CA ILE A 390 -30.61 8.46 -5.42
C ILE A 390 -30.71 6.93 -5.39
N ASP A 391 -30.64 6.32 -6.56
CA ASP A 391 -30.51 4.85 -6.68
C ASP A 391 -29.03 4.47 -6.83
N VAL A 392 -28.23 5.36 -7.42
CA VAL A 392 -26.83 5.07 -7.81
C VAL A 392 -25.99 6.27 -7.41
N ALA A 393 -24.98 6.01 -6.59
CA ALA A 393 -24.04 7.04 -6.12
C ALA A 393 -22.61 6.61 -6.47
N LEU A 394 -21.80 7.58 -6.88
N LEU A 394 -21.83 7.55 -7.01
CA LEU A 394 -20.40 7.40 -7.33
CA LEU A 394 -20.38 7.40 -7.30
C LEU A 394 -19.48 8.26 -6.44
C LEU A 394 -19.58 8.16 -6.25
N SER A 395 -18.35 7.71 -6.00
CA SER A 395 -17.36 8.41 -5.15
C SER A 395 -16.03 8.42 -5.90
N ASN A 396 -15.51 9.61 -6.18
CA ASN A 396 -14.24 9.80 -6.94
C ASN A 396 -13.11 10.20 -6.00
N SER A 397 -11.93 9.69 -6.31
CA SER A 397 -10.65 10.10 -5.72
C SER A 397 -9.62 10.18 -6.84
N PHE A 398 -8.69 11.13 -6.71
N PHE A 398 -8.76 11.19 -6.79
CA PHE A 398 -7.53 11.40 -7.60
CA PHE A 398 -7.51 11.28 -7.58
C PHE A 398 -6.33 11.78 -6.72
C PHE A 398 -6.38 11.58 -6.60
N GLY A 399 -5.16 11.21 -6.99
CA GLY A 399 -3.99 11.42 -6.13
C GLY A 399 -2.74 11.77 -6.91
N PHE A 400 -1.71 12.24 -6.19
CA PHE A 400 -0.33 12.36 -6.68
C PHE A 400 0.06 11.05 -7.39
N GLY A 401 0.81 11.17 -8.49
CA GLY A 401 1.18 10.03 -9.34
C GLY A 401 0.18 9.79 -10.46
N GLY A 402 -0.86 10.62 -10.51
CA GLY A 402 -1.94 10.53 -11.50
C GLY A 402 -2.81 9.31 -11.27
N THR A 403 -3.00 8.91 -10.02
N THR A 403 -2.92 8.92 -10.01
CA THR A 403 -3.72 7.65 -9.68
CA THR A 403 -3.74 7.79 -9.51
C THR A 403 -5.18 7.95 -9.31
C THR A 403 -5.21 8.20 -9.59
N ASN A 404 -6.11 7.30 -10.02
CA ASN A 404 -7.56 7.61 -10.03
C ASN A 404 -8.34 6.40 -9.51
N GLY A 405 -9.41 6.65 -8.76
CA GLY A 405 -10.28 5.59 -8.20
C GLY A 405 -11.72 6.02 -8.23
N THR A 406 -12.63 5.11 -8.57
CA THR A 406 -14.08 5.39 -8.61
C THR A 406 -14.82 4.19 -8.00
N LEU A 407 -15.71 4.47 -7.06
CA LEU A 407 -16.58 3.42 -6.47
C LEU A 407 -18.01 3.71 -6.92
N VAL A 408 -18.77 2.66 -7.22
CA VAL A 408 -20.20 2.77 -7.63
C VAL A 408 -21.02 1.93 -6.65
N PHE A 409 -21.95 2.62 -5.97
CA PHE A 409 -22.88 2.05 -4.99
C PHE A 409 -24.28 2.21 -5.54
N ARG A 410 -25.17 1.30 -5.18
CA ARG A 410 -26.60 1.45 -5.44
C ARG A 410 -27.39 0.86 -4.28
N ARG A 411 -28.65 1.28 -4.16
CA ARG A 411 -29.60 0.75 -3.18
C ARG A 411 -29.72 -0.76 -3.39
N PHE A 412 -29.81 -1.53 -2.30
CA PHE A 412 -30.08 -2.98 -2.34
C PHE A 412 -31.47 -3.28 -1.75
N ALA A 413 -32.31 -4.08 -2.43
CA ALA A 413 -33.67 -4.50 -1.95
C ALA A 413 -33.69 -6.02 -1.73
N SER B 2 -13.64 -18.65 -15.44
CA SER B 2 -12.21 -19.02 -15.64
C SER B 2 -11.30 -17.78 -15.54
N ARG B 3 -10.08 -17.89 -16.06
CA ARG B 3 -8.91 -17.12 -15.53
C ARG B 3 -7.77 -17.16 -16.55
N ARG B 4 -7.19 -16.01 -16.86
CA ARG B 4 -6.10 -15.95 -17.86
C ARG B 4 -4.79 -16.36 -17.20
N ARG B 5 -3.91 -16.94 -18.01
CA ARG B 5 -2.57 -17.34 -17.57
C ARG B 5 -1.64 -16.12 -17.62
N VAL B 6 -0.69 -16.09 -16.67
CA VAL B 6 0.22 -14.94 -16.39
C VAL B 6 1.66 -15.43 -16.46
N VAL B 7 2.46 -14.82 -17.31
CA VAL B 7 3.89 -15.21 -17.44
C VAL B 7 4.79 -13.98 -17.14
N ILE B 8 6.08 -14.25 -16.91
CA ILE B 8 7.15 -13.25 -16.61
C ILE B 8 7.98 -13.04 -17.89
N THR B 9 7.96 -11.83 -18.45
CA THR B 9 8.65 -11.52 -19.72
C THR B 9 9.75 -10.49 -19.53
N GLY B 10 9.90 -9.93 -18.32
CA GLY B 10 10.96 -8.95 -18.05
C GLY B 10 11.28 -8.89 -16.56
N MET B 11 12.55 -8.76 -16.22
CA MET B 11 12.97 -8.63 -14.81
C MET B 11 14.02 -7.53 -14.70
N GLY B 12 13.96 -6.78 -13.59
CA GLY B 12 14.93 -5.71 -13.26
C GLY B 12 15.32 -5.74 -11.80
N MET B 13 16.51 -5.25 -11.46
CA MET B 13 16.97 -5.39 -10.05
C MET B 13 18.10 -4.44 -9.71
N LEU B 14 18.08 -3.87 -8.51
CA LEU B 14 19.27 -3.36 -7.79
C LEU B 14 19.36 -4.17 -6.49
N SER B 15 20.54 -4.69 -6.19
CA SER B 15 20.77 -5.45 -4.94
C SER B 15 22.16 -5.15 -4.42
N PRO B 16 22.45 -5.60 -3.20
CA PRO B 16 23.81 -5.56 -2.67
C PRO B 16 24.82 -6.42 -3.45
N LEU B 17 24.35 -7.25 -4.38
CA LEU B 17 25.22 -8.14 -5.19
C LEU B 17 25.51 -7.53 -6.56
N GLY B 18 24.78 -6.50 -6.98
CA GLY B 18 24.90 -6.00 -8.37
C GLY B 18 23.83 -4.99 -8.76
N LEU B 19 24.08 -4.30 -9.88
CA LEU B 19 23.25 -3.19 -10.39
C LEU B 19 22.25 -3.72 -11.45
N ASP B 20 22.16 -5.03 -11.62
CA ASP B 20 21.15 -5.64 -12.53
C ASP B 20 20.94 -7.10 -12.13
N VAL B 21 20.09 -7.78 -12.87
CA VAL B 21 19.75 -9.20 -12.57
C VAL B 21 20.96 -10.09 -12.81
N PRO B 22 21.60 -10.11 -14.00
CA PRO B 22 22.62 -11.12 -14.26
C PRO B 22 23.79 -10.99 -13.30
N SER B 23 24.23 -9.78 -12.96
CA SER B 23 25.33 -9.60 -11.98
C SER B 23 24.86 -10.11 -10.60
N SER B 24 23.65 -9.77 -10.15
CA SER B 24 23.14 -10.23 -8.84
C SER B 24 23.12 -11.77 -8.80
N TRP B 25 22.49 -12.40 -9.81
CA TRP B 25 22.35 -13.89 -9.92
C TRP B 25 23.70 -14.59 -9.90
N GLU B 26 24.68 -13.99 -10.56
CA GLU B 26 26.07 -14.50 -10.55
C GLU B 26 26.63 -14.53 -9.12
N GLY B 27 26.36 -13.49 -8.32
CA GLY B 27 26.74 -13.44 -6.90
C GLY B 27 26.02 -14.52 -6.11
N ILE B 28 24.72 -14.64 -6.30
CA ILE B 28 23.86 -15.64 -5.61
C ILE B 28 24.46 -17.05 -5.79
N LEU B 29 24.69 -17.44 -7.03
CA LEU B 29 25.16 -18.82 -7.38
C LEU B 29 26.60 -19.04 -6.92
N ALA B 30 27.40 -17.97 -6.80
CA ALA B 30 28.77 -18.03 -6.23
C ALA B 30 28.77 -17.94 -4.71
N GLY B 31 27.64 -17.72 -4.06
CA GLY B 31 27.63 -17.63 -2.59
C GLY B 31 28.34 -16.39 -2.10
N ARG B 32 28.45 -15.35 -2.90
CA ARG B 32 29.06 -14.08 -2.45
C ARG B 32 28.09 -13.33 -1.51
N SER B 33 28.63 -12.63 -0.54
CA SER B 33 27.92 -11.71 0.39
C SER B 33 27.96 -10.28 -0.20
N GLY B 34 26.85 -9.55 -0.07
CA GLY B 34 26.77 -8.11 -0.38
C GLY B 34 26.88 -7.27 0.87
N ILE B 35 27.23 -7.89 2.00
CA ILE B 35 27.16 -7.21 3.32
C ILE B 35 28.52 -6.61 3.66
N ALA B 36 28.48 -5.40 4.19
CA ALA B 36 29.68 -4.59 4.46
C ALA B 36 29.34 -3.45 5.43
N PRO B 37 30.34 -2.89 6.15
CA PRO B 37 30.09 -1.72 6.96
C PRO B 37 29.51 -0.66 6.02
N ILE B 38 28.54 0.09 6.52
CA ILE B 38 27.86 1.19 5.78
C ILE B 38 28.81 2.38 5.70
N GLU B 39 29.01 2.95 4.52
CA GLU B 39 29.96 4.08 4.35
C GLU B 39 29.23 5.42 4.32
N HIS B 40 30.01 6.50 4.41
CA HIS B 40 29.57 7.91 4.31
C HIS B 40 28.32 8.06 5.18
N MET B 41 28.49 7.81 6.48
CA MET B 41 27.38 7.81 7.46
C MET B 41 27.96 7.45 8.84
N ASP B 42 27.82 8.32 9.83
CA ASP B 42 28.37 8.13 11.20
C ASP B 42 27.47 7.16 11.96
N LEU B 43 27.90 5.91 12.10
CA LEU B 43 27.12 4.86 12.82
C LEU B 43 27.77 4.58 14.19
N SER B 44 28.61 5.49 14.71
CA SER B 44 29.41 5.31 15.96
C SER B 44 28.50 4.93 17.13
N ALA B 45 27.37 5.60 17.31
CA ALA B 45 26.49 5.41 18.49
C ALA B 45 25.53 4.23 18.28
N TYR B 46 25.67 3.47 17.18
CA TYR B 46 24.71 2.43 16.71
C TYR B 46 25.28 1.05 17.02
N SER B 47 24.45 0.07 17.40
CA SER B 47 24.90 -1.32 17.76
C SER B 47 25.13 -2.18 16.50
N THR B 48 24.55 -1.79 15.36
CA THR B 48 24.81 -2.37 14.02
C THR B 48 25.41 -1.30 13.08
N ARG B 49 26.51 -1.63 12.39
CA ARG B 49 27.32 -0.66 11.58
C ARG B 49 27.45 -1.13 10.12
N PHE B 50 26.74 -2.21 9.76
CA PHE B 50 26.89 -2.87 8.45
C PHE B 50 25.48 -3.17 7.90
N GLY B 51 25.45 -3.64 6.65
CA GLY B 51 24.23 -4.01 5.92
C GLY B 51 24.56 -4.18 4.44
N GLY B 52 23.54 -4.42 3.60
CA GLY B 52 23.70 -4.54 2.15
C GLY B 52 23.33 -3.22 1.48
N SER B 53 24.31 -2.44 1.07
CA SER B 53 24.13 -1.17 0.31
C SER B 53 24.12 -1.50 -1.19
N VAL B 54 23.40 -0.73 -2.00
CA VAL B 54 23.58 -0.73 -3.48
C VAL B 54 24.89 0.03 -3.76
N LYS B 55 25.87 -0.58 -4.41
CA LYS B 55 27.22 -0.02 -4.65
C LYS B 55 27.32 0.50 -6.08
N GLY B 56 27.56 1.80 -6.25
CA GLY B 56 27.93 2.36 -7.57
C GLY B 56 26.72 2.70 -8.43
N PHE B 57 25.54 2.85 -7.82
CA PHE B 57 24.28 3.17 -8.52
C PHE B 57 24.44 4.55 -9.16
N ASN B 58 24.15 4.60 -10.45
CA ASN B 58 24.18 5.85 -11.24
C ASN B 58 22.76 6.13 -11.74
N VAL B 59 22.02 6.94 -10.99
CA VAL B 59 20.62 7.33 -11.31
C VAL B 59 20.54 8.03 -12.68
N GLU B 60 21.57 8.74 -13.12
CA GLU B 60 21.56 9.48 -14.41
C GLU B 60 21.55 8.53 -15.61
N GLU B 61 21.76 7.21 -15.45
CA GLU B 61 21.44 6.21 -16.51
C GLU B 61 19.92 6.17 -16.78
N TYR B 62 19.11 6.73 -15.89
CA TYR B 62 17.63 6.55 -15.88
C TYR B 62 16.92 7.90 -15.96
N LEU B 63 17.40 8.87 -15.15
CA LEU B 63 16.78 10.19 -14.93
C LEU B 63 17.83 11.27 -15.10
N SER B 64 17.34 12.47 -15.41
CA SER B 64 18.15 13.71 -15.35
C SER B 64 18.50 13.96 -13.90
N ALA B 65 19.59 14.69 -13.65
CA ALA B 65 19.98 15.09 -12.29
C ALA B 65 18.79 15.79 -11.65
N LYS B 66 18.11 16.65 -12.38
CA LYS B 66 17.05 17.50 -11.81
C LYS B 66 15.87 16.63 -11.32
N GLU B 67 15.42 15.65 -12.10
N GLU B 67 15.42 15.69 -12.17
CA GLU B 67 14.25 14.81 -11.70
CA GLU B 67 14.37 14.67 -11.89
C GLU B 67 14.68 13.89 -10.54
C GLU B 67 14.71 13.94 -10.59
N ALA B 68 15.92 13.38 -10.54
CA ALA B 68 16.41 12.52 -9.45
C ALA B 68 16.48 13.29 -8.11
N ARG B 69 16.86 14.57 -8.12
CA ARG B 69 16.95 15.42 -6.90
C ARG B 69 15.58 15.48 -6.23
N LYS B 70 14.51 15.25 -6.98
CA LYS B 70 13.13 15.36 -6.46
C LYS B 70 12.72 14.09 -5.70
N LEU B 71 13.48 12.98 -5.81
CA LEU B 71 12.97 11.64 -5.45
C LEU B 71 13.84 10.96 -4.40
N ASP B 72 13.21 10.40 -3.37
CA ASP B 72 13.92 9.57 -2.37
C ASP B 72 14.69 8.48 -3.09
N LEU B 73 15.79 8.01 -2.52
CA LEU B 73 16.53 6.85 -3.05
C LEU B 73 15.60 5.65 -3.27
N PHE B 74 14.62 5.37 -2.38
CA PHE B 74 13.78 4.14 -2.53
C PHE B 74 13.07 4.24 -3.89
N ILE B 75 12.63 5.45 -4.26
CA ILE B 75 11.93 5.72 -5.55
C ILE B 75 12.92 5.56 -6.71
N GLN B 76 14.13 6.11 -6.57
CA GLN B 76 15.16 5.98 -7.64
C GLN B 76 15.39 4.48 -7.92
N TYR B 77 15.53 3.70 -6.85
CA TYR B 77 15.82 2.23 -6.96
C TYR B 77 14.64 1.51 -7.62
N GLY B 78 13.40 1.86 -7.26
CA GLY B 78 12.22 1.25 -7.87
C GLY B 78 12.10 1.59 -9.35
N LEU B 79 12.43 2.82 -9.71
CA LEU B 79 12.42 3.26 -11.13
C LEU B 79 13.51 2.53 -11.89
N ALA B 80 14.72 2.44 -11.36
CA ALA B 80 15.82 1.68 -12.00
C ALA B 80 15.37 0.26 -12.36
N ALA B 81 14.93 -0.53 -11.35
CA ALA B 81 14.44 -1.92 -11.50
C ALA B 81 13.34 -1.97 -12.55
N SER B 82 12.38 -1.04 -12.48
CA SER B 82 11.19 -0.97 -13.34
C SER B 82 11.58 -0.72 -14.81
N PHE B 83 12.50 0.24 -15.05
CA PHE B 83 12.97 0.57 -16.42
C PHE B 83 13.73 -0.64 -16.98
N GLN B 84 14.52 -1.30 -16.14
CA GLN B 84 15.29 -2.49 -16.55
C GLN B 84 14.31 -3.58 -16.99
N ALA B 85 13.26 -3.82 -16.20
CA ALA B 85 12.28 -4.89 -16.42
C ALA B 85 11.52 -4.65 -17.73
N VAL B 86 11.04 -3.42 -17.95
CA VAL B 86 10.32 -3.04 -19.19
C VAL B 86 11.24 -3.25 -20.40
N ARG B 87 12.43 -2.67 -20.36
CA ARG B 87 13.48 -2.86 -21.39
C ARG B 87 13.72 -4.36 -21.57
N ASP B 88 13.95 -5.11 -20.50
CA ASP B 88 14.20 -6.57 -20.60
C ASP B 88 13.02 -7.28 -21.35
N SER B 89 11.79 -6.75 -21.25
CA SER B 89 10.57 -7.42 -21.75
C SER B 89 10.42 -7.22 -23.27
N GLY B 90 11.05 -6.17 -23.82
CA GLY B 90 10.89 -5.78 -25.23
C GLY B 90 9.53 -5.15 -25.51
N LEU B 91 8.69 -4.91 -24.50
CA LEU B 91 7.31 -4.40 -24.70
C LEU B 91 7.35 -3.02 -25.37
N GLU B 92 6.54 -2.83 -26.41
CA GLU B 92 6.28 -1.51 -27.05
C GLU B 92 4.92 -1.01 -26.56
N VAL B 93 4.92 0.08 -25.79
CA VAL B 93 3.69 0.78 -25.31
C VAL B 93 3.16 1.63 -26.48
N THR B 94 1.87 1.48 -26.80
CA THR B 94 1.18 2.23 -27.88
C THR B 94 -0.11 2.85 -27.37
N ASP B 95 -0.71 3.68 -28.21
CA ASP B 95 -2.07 4.21 -27.96
C ASP B 95 -3.03 3.04 -27.83
N ALA B 96 -2.78 1.95 -28.54
CA ALA B 96 -3.69 0.80 -28.65
C ALA B 96 -3.57 -0.08 -27.40
N ASN B 97 -2.54 0.05 -26.57
CA ASN B 97 -2.43 -0.86 -25.39
C ASN B 97 -2.17 -0.12 -24.08
N ARG B 98 -1.88 1.18 -24.09
CA ARG B 98 -1.38 1.86 -22.87
C ARG B 98 -2.43 1.77 -21.73
N GLU B 99 -3.73 1.65 -22.03
CA GLU B 99 -4.76 1.55 -20.96
C GLU B 99 -4.75 0.14 -20.36
N ARG B 100 -4.00 -0.80 -20.92
CA ARG B 100 -4.00 -2.21 -20.48
C ARG B 100 -2.69 -2.53 -19.77
N ILE B 101 -1.86 -1.51 -19.52
CA ILE B 101 -0.54 -1.66 -18.86
C ILE B 101 -0.55 -0.79 -17.60
N GLY B 102 -0.35 -1.41 -16.44
CA GLY B 102 -0.40 -0.73 -15.14
C GLY B 102 0.84 -1.04 -14.36
N VAL B 103 0.90 -0.53 -13.13
N VAL B 103 0.87 -0.64 -13.10
CA VAL B 103 2.08 -0.63 -12.22
CA VAL B 103 2.09 -0.72 -12.26
C VAL B 103 1.58 -0.86 -10.79
C VAL B 103 1.69 -0.77 -10.78
N SER B 104 2.33 -1.70 -10.05
CA SER B 104 2.14 -1.88 -8.60
C SER B 104 3.53 -2.10 -8.03
N MET B 105 4.24 -1.03 -7.76
CA MET B 105 5.57 -1.09 -7.14
C MET B 105 5.39 -0.55 -5.72
N GLY B 106 5.82 -1.33 -4.75
CA GLY B 106 5.60 -1.02 -3.34
C GLY B 106 6.89 -0.76 -2.56
N SER B 107 6.71 -0.34 -1.33
CA SER B 107 7.80 -0.23 -0.35
C SER B 107 7.25 -0.54 1.05
N GLY B 108 8.06 -1.13 1.91
CA GLY B 108 7.70 -1.44 3.31
C GLY B 108 7.71 -0.20 4.18
N ILE B 109 8.70 0.67 3.98
CA ILE B 109 9.01 1.81 4.90
C ILE B 109 9.06 3.16 4.18
N GLY B 110 9.39 3.18 2.91
CA GLY B 110 9.26 4.40 2.10
C GLY B 110 10.41 5.35 2.36
N GLY B 111 10.11 6.63 2.53
CA GLY B 111 11.01 7.77 2.29
C GLY B 111 11.74 8.24 3.55
N LEU B 112 12.39 7.35 4.30
CA LEU B 112 13.07 7.67 5.59
C LEU B 112 14.26 8.60 5.39
N THR B 113 15.08 8.38 4.36
CA THR B 113 16.26 9.22 4.05
C THR B 113 15.82 10.66 3.82
N ASN B 114 14.80 10.86 2.97
N ASN B 114 14.76 10.85 3.03
CA ASN B 114 14.17 12.18 2.68
CA ASN B 114 14.22 12.19 2.71
C ASN B 114 13.55 12.75 3.97
C ASN B 114 13.50 12.76 3.94
N ILE B 115 12.81 11.92 4.72
CA ILE B 115 12.18 12.35 6.01
C ILE B 115 13.26 12.85 6.97
N GLU B 116 14.36 12.15 7.06
CA GLU B 116 15.52 12.53 7.90
C GLU B 116 16.09 13.89 7.47
N ASN B 117 16.39 14.05 6.19
CA ASN B 117 17.05 15.27 5.66
C ASN B 117 16.11 16.46 5.82
N ASN B 118 14.80 16.26 5.63
CA ASN B 118 13.82 17.35 5.72
C ASN B 118 13.55 17.68 7.20
N CYS B 119 13.65 16.67 8.09
CA CYS B 119 13.63 16.86 9.56
C CYS B 119 14.80 17.73 10.00
N ARG B 120 16.00 17.41 9.55
CA ARG B 120 17.21 18.24 9.76
C ARG B 120 16.84 19.70 9.46
N SER B 121 16.46 20.01 8.21
CA SER B 121 16.01 21.37 7.79
C SER B 121 14.97 21.93 8.76
N LEU B 122 13.91 21.18 9.05
CA LEU B 122 12.75 21.68 9.84
C LEU B 122 13.20 22.21 11.21
N PHE B 123 14.00 21.40 11.90
CA PHE B 123 14.40 21.57 13.33
C PHE B 123 15.49 22.65 13.43
N GLU B 124 16.40 22.65 12.47
CA GLU B 124 17.58 23.54 12.41
C GLU B 124 17.23 24.95 11.89
N GLN B 125 16.27 25.08 10.96
N GLN B 125 16.30 25.13 10.95
CA GLN B 125 16.01 26.31 10.17
CA GLN B 125 15.94 26.49 10.48
C GLN B 125 14.52 26.70 10.14
C GLN B 125 14.51 26.56 9.92
N GLY B 126 13.58 25.81 10.51
CA GLY B 126 12.13 26.08 10.38
C GLY B 126 11.48 25.52 9.12
N PRO B 127 10.14 25.51 9.06
CA PRO B 127 9.40 24.85 7.99
C PRO B 127 9.64 25.36 6.56
N ARG B 128 10.17 26.57 6.41
CA ARG B 128 10.19 27.23 5.09
C ARG B 128 11.41 26.68 4.34
N ARG B 129 12.25 25.87 4.99
CA ARG B 129 13.36 25.16 4.31
C ARG B 129 13.00 23.72 3.94
N ILE B 130 11.78 23.24 4.24
CA ILE B 130 11.28 21.95 3.70
C ILE B 130 11.15 22.07 2.17
N SER B 131 11.70 21.10 1.46
CA SER B 131 11.64 21.01 -0.01
C SER B 131 10.18 20.97 -0.49
N PRO B 132 9.88 21.71 -1.59
CA PRO B 132 8.59 21.64 -2.28
C PRO B 132 8.18 20.23 -2.73
N PHE B 133 9.18 19.37 -2.99
CA PHE B 133 8.97 18.00 -3.52
C PHE B 133 9.03 17.00 -2.38
N PHE B 134 9.12 17.49 -1.14
CA PHE B 134 9.14 16.62 0.04
C PHE B 134 8.05 15.55 -0.07
N VAL B 135 6.77 15.95 -0.25
CA VAL B 135 5.64 14.98 -0.21
C VAL B 135 5.69 14.05 -1.41
N PRO B 136 5.59 14.54 -2.68
CA PRO B 136 5.51 13.63 -3.83
C PRO B 136 6.82 12.85 -4.01
N GLY B 137 7.95 13.44 -3.58
CA GLY B 137 9.26 12.78 -3.63
C GLY B 137 9.47 11.74 -2.52
N SER B 138 8.53 11.52 -1.59
CA SER B 138 8.74 10.64 -0.41
C SER B 138 7.70 9.53 -0.33
N ILE B 139 6.51 9.72 -0.88
CA ILE B 139 5.36 8.79 -0.70
C ILE B 139 5.54 7.59 -1.62
N ILE B 140 5.08 6.46 -1.12
CA ILE B 140 5.42 5.10 -1.62
C ILE B 140 4.83 4.88 -3.02
N ASN B 141 3.75 5.55 -3.39
CA ASN B 141 3.09 5.28 -4.70
C ASN B 141 3.78 6.07 -5.81
N MET B 142 4.88 6.78 -5.53
CA MET B 142 5.50 7.62 -6.57
C MET B 142 6.40 6.79 -7.49
N VAL B 143 6.73 5.55 -7.13
CA VAL B 143 7.42 4.68 -8.12
C VAL B 143 6.40 4.36 -9.22
N SER B 144 5.22 3.86 -8.83
CA SER B 144 4.11 3.59 -9.79
C SER B 144 3.74 4.90 -10.50
N GLY B 145 3.67 6.00 -9.75
CA GLY B 145 3.31 7.31 -10.32
C GLY B 145 4.31 7.75 -11.37
N PHE B 146 5.59 7.80 -11.02
CA PHE B 146 6.63 8.34 -11.93
C PHE B 146 6.78 7.37 -13.11
N LEU B 147 6.67 6.07 -12.86
CA LEU B 147 6.90 5.11 -13.96
C LEU B 147 5.79 5.28 -15.00
N SER B 148 4.54 5.38 -14.53
N SER B 148 4.55 5.36 -14.51
CA SER B 148 3.34 5.52 -15.39
CA SER B 148 3.32 5.56 -15.32
C SER B 148 3.46 6.82 -16.21
C SER B 148 3.49 6.80 -16.20
N ILE B 149 3.97 7.90 -15.61
CA ILE B 149 4.12 9.20 -16.33
C ILE B 149 5.24 9.09 -17.35
N HIS B 150 6.39 8.54 -16.99
CA HIS B 150 7.53 8.45 -17.93
C HIS B 150 7.16 7.57 -19.13
N LEU B 151 6.37 6.50 -18.95
CA LEU B 151 6.14 5.51 -20.03
C LEU B 151 4.73 5.65 -20.63
N GLY B 152 3.86 6.52 -20.14
CA GLY B 152 2.49 6.63 -20.68
C GLY B 152 1.59 5.47 -20.27
N LEU B 153 1.79 4.88 -19.08
CA LEU B 153 0.98 3.72 -18.61
C LEU B 153 -0.31 4.20 -17.95
N GLN B 154 -1.46 3.75 -18.46
CA GLN B 154 -2.80 4.27 -18.06
C GLN B 154 -3.61 3.16 -17.40
N GLY B 155 -3.04 1.95 -17.26
CA GLY B 155 -3.71 0.79 -16.60
C GLY B 155 -3.76 0.97 -15.09
N PRO B 156 -4.16 -0.05 -14.31
CA PRO B 156 -4.21 0.07 -12.85
C PRO B 156 -2.88 0.60 -12.30
N ASN B 157 -2.98 1.64 -11.46
N ASN B 157 -2.97 1.64 -11.46
CA ASN B 157 -1.81 2.37 -10.90
CA ASN B 157 -1.80 2.37 -10.91
C ASN B 157 -1.93 2.39 -9.38
C ASN B 157 -1.91 2.41 -9.39
N TYR B 158 -1.14 1.59 -8.69
CA TYR B 158 -1.25 1.49 -7.21
C TYR B 158 0.08 1.03 -6.63
N ALA B 159 0.08 0.98 -5.30
CA ALA B 159 1.25 0.58 -4.51
C ALA B 159 0.76 -0.14 -3.24
N LEU B 160 1.33 -1.31 -2.97
CA LEU B 160 1.19 -2.03 -1.67
C LEU B 160 2.29 -1.55 -0.69
N THR B 161 1.99 -1.65 0.58
CA THR B 161 2.97 -1.51 1.67
C THR B 161 2.49 -2.50 2.73
N THR B 162 3.10 -3.68 2.74
CA THR B 162 2.85 -4.78 3.71
C THR B 162 4.20 -5.19 4.29
N ALA B 163 4.97 -4.19 4.72
CA ALA B 163 6.27 -4.36 5.39
C ALA B 163 7.16 -5.31 4.60
N GLN B 164 7.72 -6.34 5.24
CA GLN B 164 8.64 -7.32 4.60
C GLN B 164 7.90 -8.23 3.58
N THR B 165 6.59 -8.05 3.37
CA THR B 165 5.76 -8.91 2.46
C THR B 165 5.42 -8.13 1.18
N THR B 166 5.81 -6.86 1.11
CA THR B 166 5.38 -5.90 0.07
C THR B 166 5.64 -6.49 -1.32
N GLY B 167 6.88 -6.88 -1.61
CA GLY B 167 7.20 -7.26 -3.00
C GLY B 167 6.44 -8.53 -3.43
N THR B 168 6.19 -9.44 -2.51
CA THR B 168 5.45 -10.72 -2.78
C THR B 168 3.99 -10.38 -3.08
N HIS B 169 3.38 -9.53 -2.24
CA HIS B 169 1.97 -9.10 -2.42
C HIS B 169 1.84 -8.30 -3.71
N SER B 170 2.80 -7.41 -4.01
CA SER B 170 2.73 -6.52 -5.19
C SER B 170 2.62 -7.40 -6.44
N ILE B 171 3.49 -8.37 -6.56
CA ILE B 171 3.57 -9.28 -7.73
C ILE B 171 2.29 -10.13 -7.80
N GLY B 172 1.87 -10.68 -6.66
CA GLY B 172 0.68 -11.53 -6.56
C GLY B 172 -0.56 -10.81 -7.02
N MET B 173 -0.82 -9.62 -6.46
N MET B 173 -0.81 -9.62 -6.48
CA MET B 173 -2.03 -8.82 -6.76
CA MET B 173 -2.04 -8.84 -6.78
C MET B 173 -1.96 -8.31 -8.20
C MET B 173 -1.96 -8.27 -8.20
N ALA B 174 -0.76 -7.94 -8.67
CA ALA B 174 -0.53 -7.59 -10.11
C ALA B 174 -0.95 -8.78 -11.00
N ALA B 175 -0.62 -10.00 -10.61
CA ALA B 175 -0.94 -11.22 -11.39
C ALA B 175 -2.43 -11.41 -11.39
N ARG B 176 -3.10 -11.14 -10.27
CA ARG B 176 -4.59 -11.18 -10.18
C ARG B 176 -5.20 -10.22 -11.22
N ASN B 177 -4.67 -9.00 -11.32
CA ASN B 177 -5.20 -7.94 -12.22
C ASN B 177 -5.20 -8.51 -13.65
N ILE B 178 -4.15 -9.20 -14.03
CA ILE B 178 -4.02 -9.71 -15.43
C ILE B 178 -4.95 -10.92 -15.59
N ALA B 179 -4.90 -11.83 -14.63
CA ALA B 179 -5.69 -13.09 -14.60
C ALA B 179 -7.17 -12.79 -14.77
N TYR B 180 -7.66 -11.74 -14.13
CA TYR B 180 -9.09 -11.40 -14.07
C TYR B 180 -9.44 -10.31 -15.09
N GLY B 181 -8.53 -10.01 -16.02
CA GLY B 181 -8.85 -9.23 -17.24
C GLY B 181 -8.86 -7.73 -16.97
N GLU B 182 -8.29 -7.24 -15.88
CA GLU B 182 -8.28 -5.78 -15.58
C GLU B 182 -7.06 -5.10 -16.22
N ALA B 183 -6.06 -5.88 -16.66
CA ALA B 183 -4.81 -5.44 -17.34
C ALA B 183 -4.29 -6.61 -18.18
N ASP B 184 -3.50 -6.30 -19.20
CA ASP B 184 -2.72 -7.32 -19.97
C ASP B 184 -1.27 -7.31 -19.52
N VAL B 185 -0.77 -6.18 -19.05
CA VAL B 185 0.63 -6.09 -18.56
C VAL B 185 0.64 -5.35 -17.22
N MET B 186 1.48 -5.80 -16.32
CA MET B 186 1.77 -5.05 -15.07
C MET B 186 3.27 -5.05 -14.79
N VAL B 187 3.81 -3.93 -14.31
CA VAL B 187 5.16 -3.86 -13.69
C VAL B 187 4.96 -3.96 -12.17
N ALA B 188 5.54 -4.95 -11.51
CA ALA B 188 5.22 -5.19 -10.08
C ALA B 188 6.50 -5.60 -9.33
N GLY B 189 6.57 -5.19 -8.09
CA GLY B 189 7.74 -5.44 -7.26
C GLY B 189 7.78 -4.48 -6.10
N GLY B 190 9.00 -4.17 -5.66
CA GLY B 190 9.20 -3.37 -4.46
C GLY B 190 10.56 -2.75 -4.47
N SER B 191 10.72 -1.74 -3.66
CA SER B 191 12.03 -1.07 -3.49
C SER B 191 12.13 -0.56 -2.05
N GLU B 192 13.34 -0.36 -1.59
CA GLU B 192 13.55 -0.01 -0.18
C GLU B 192 14.94 0.59 -0.03
N MET B 193 15.04 1.59 0.84
N MET B 193 15.03 1.59 0.85
CA MET B 193 16.32 2.20 1.26
CA MET B 193 16.28 2.26 1.26
C MET B 193 16.10 2.69 2.70
C MET B 193 16.09 2.72 2.71
N ALA B 194 16.27 1.79 3.66
CA ALA B 194 16.03 2.05 5.10
C ALA B 194 17.37 1.93 5.84
N ALA B 195 18.50 1.82 5.12
CA ALA B 195 19.87 1.87 5.68
C ALA B 195 20.27 3.31 5.96
N CYS B 196 19.41 4.02 6.68
CA CYS B 196 19.62 5.39 7.19
C CYS B 196 19.61 5.27 8.72
N GLY B 197 19.77 6.39 9.40
CA GLY B 197 19.81 6.42 10.87
C GLY B 197 18.55 5.82 11.43
N LEU B 198 17.42 6.15 10.82
CA LEU B 198 16.09 5.80 11.34
C LEU B 198 15.85 4.30 11.18
N GLY B 199 16.23 3.73 10.04
CA GLY B 199 16.12 2.28 9.77
C GLY B 199 17.02 1.51 10.70
N LEU B 200 18.31 1.88 10.77
CA LEU B 200 19.29 1.16 11.61
C LEU B 200 18.96 1.39 13.08
N GLY B 201 18.62 2.62 13.46
CA GLY B 201 18.21 2.97 14.83
C GLY B 201 16.89 2.34 15.22
N GLY B 202 15.92 2.39 14.31
CA GLY B 202 14.55 1.91 14.57
C GLY B 202 14.54 0.42 14.82
N PHE B 203 15.14 -0.35 13.91
CA PHE B 203 15.25 -1.82 14.01
C PHE B 203 16.22 -2.19 15.14
N GLY B 204 17.29 -1.41 15.28
CA GLY B 204 18.29 -1.59 16.35
C GLY B 204 17.63 -1.45 17.71
N ALA B 205 16.65 -0.57 17.87
CA ALA B 205 15.95 -0.31 19.16
C ALA B 205 15.09 -1.53 19.54
N ALA B 206 14.47 -2.23 18.58
CA ALA B 206 13.73 -3.51 18.77
C ALA B 206 14.72 -4.68 18.95
N ARG B 207 16.01 -4.40 18.94
CA ARG B 207 17.10 -5.41 18.93
C ARG B 207 16.69 -6.52 17.96
N ALA B 208 16.24 -6.14 16.78
CA ALA B 208 15.89 -7.05 15.66
C ALA B 208 17.11 -7.37 14.79
N LEU B 209 18.17 -6.53 14.83
CA LEU B 209 19.33 -6.60 13.90
C LEU B 209 20.41 -7.51 14.52
N SER B 210 21.07 -8.31 13.68
CA SER B 210 22.43 -8.83 13.92
C SER B 210 23.36 -7.68 14.31
N THR B 211 24.11 -7.85 15.41
CA THR B 211 25.18 -6.93 15.88
C THR B 211 26.58 -7.53 15.62
N ARG B 212 26.77 -8.42 14.65
CA ARG B 212 28.10 -9.04 14.37
C ARG B 212 28.98 -8.12 13.49
N ASN B 213 29.38 -6.96 14.03
CA ASN B 213 30.19 -5.90 13.34
C ASN B 213 31.57 -6.43 12.96
N ASP B 214 32.13 -7.34 13.74
CA ASP B 214 33.50 -7.86 13.47
C ASP B 214 33.48 -8.64 12.15
N GLU B 215 32.35 -9.24 11.76
CA GLU B 215 32.29 -10.13 10.57
C GLU B 215 30.96 -9.94 9.83
N PRO B 216 30.82 -8.82 9.10
CA PRO B 216 29.56 -8.47 8.44
C PRO B 216 29.06 -9.56 7.49
N THR B 217 29.98 -10.27 6.81
CA THR B 217 29.58 -11.25 5.76
C THR B 217 29.06 -12.54 6.40
N ARG B 218 29.31 -12.76 7.69
CA ARG B 218 28.87 -13.97 8.43
C ARG B 218 27.61 -13.65 9.24
N ALA B 219 27.17 -12.39 9.26
CA ALA B 219 26.04 -11.95 10.11
C ALA B 219 24.77 -12.72 9.73
N SER B 220 24.39 -12.71 8.43
CA SER B 220 23.13 -13.35 7.93
C SER B 220 23.36 -14.88 7.80
N ARG B 221 22.76 -15.65 8.68
CA ARG B 221 23.09 -17.09 8.82
C ARG B 221 21.80 -17.81 9.16
N PRO B 222 20.86 -17.84 8.19
CA PRO B 222 19.54 -18.40 8.44
C PRO B 222 19.65 -19.88 8.84
N TRP B 223 18.89 -20.24 9.87
CA TRP B 223 18.79 -21.60 10.47
C TRP B 223 20.07 -22.02 11.21
N ASP B 224 21.08 -21.15 11.33
CA ASP B 224 22.37 -21.43 12.02
C ASP B 224 22.15 -21.12 13.49
N ARG B 225 22.75 -21.90 14.36
CA ARG B 225 22.41 -21.83 15.81
C ARG B 225 22.96 -20.51 16.40
N ASP B 226 23.88 -19.84 15.71
CA ASP B 226 24.55 -18.59 16.15
C ASP B 226 23.95 -17.33 15.48
N ARG B 227 22.86 -17.43 14.72
CA ARG B 227 22.12 -16.26 14.15
C ARG B 227 21.66 -15.36 15.29
N ASP B 228 21.67 -14.05 15.09
CA ASP B 228 21.33 -13.06 16.15
C ASP B 228 20.48 -11.92 15.57
N GLY B 229 19.72 -12.19 14.50
CA GLY B 229 18.77 -11.25 13.88
C GLY B 229 19.13 -10.95 12.45
N PHE B 230 18.32 -10.15 11.77
CA PHE B 230 18.45 -9.92 10.31
C PHE B 230 19.47 -8.81 10.01
N VAL B 231 19.85 -8.76 8.74
CA VAL B 231 20.80 -7.76 8.20
C VAL B 231 20.00 -6.83 7.29
N LEU B 232 20.11 -5.53 7.50
CA LEU B 232 19.27 -4.55 6.77
C LEU B 232 19.93 -4.25 5.41
N SER B 233 19.17 -4.36 4.33
CA SER B 233 19.74 -4.19 2.97
C SER B 233 18.78 -3.35 2.12
N ASP B 234 19.35 -2.79 1.03
CA ASP B 234 18.72 -1.80 0.13
C ASP B 234 18.60 -2.42 -1.25
N GLY B 235 17.66 -1.93 -2.04
CA GLY B 235 17.59 -2.29 -3.47
C GLY B 235 16.16 -2.33 -3.96
N SER B 236 15.94 -3.03 -5.07
CA SER B 236 14.65 -3.11 -5.78
C SER B 236 14.61 -4.35 -6.66
N GLY B 237 13.40 -4.88 -6.84
CA GLY B 237 13.11 -5.83 -7.91
C GLY B 237 11.83 -5.44 -8.59
N ALA B 238 11.76 -5.70 -9.89
CA ALA B 238 10.59 -5.45 -10.75
C ALA B 238 10.50 -6.61 -11.73
N LEU B 239 9.29 -7.08 -11.95
CA LEU B 239 8.98 -8.08 -12.99
C LEU B 239 7.97 -7.45 -13.91
N VAL B 240 8.10 -7.77 -15.18
CA VAL B 240 7.01 -7.50 -16.14
C VAL B 240 6.15 -8.76 -16.16
N LEU B 241 4.95 -8.65 -15.62
CA LEU B 241 3.90 -9.69 -15.70
C LEU B 241 3.09 -9.44 -16.97
N GLU B 242 2.66 -10.50 -17.64
CA GLU B 242 2.00 -10.39 -18.96
C GLU B 242 1.06 -11.59 -19.15
N GLU B 243 -0.15 -11.32 -19.63
CA GLU B 243 -1.10 -12.39 -20.07
C GLU B 243 -0.42 -13.20 -21.18
N LEU B 244 -0.53 -14.52 -21.08
CA LEU B 244 0.18 -15.48 -21.95
C LEU B 244 -0.07 -15.19 -23.42
N GLU B 245 -1.32 -15.14 -23.86
CA GLU B 245 -1.65 -14.92 -25.31
C GLU B 245 -1.06 -13.58 -25.78
N HIS B 246 -1.11 -12.53 -24.96
CA HIS B 246 -0.46 -11.23 -25.28
C HIS B 246 1.04 -11.48 -25.50
N ALA B 247 1.67 -12.29 -24.65
CA ALA B 247 3.14 -12.52 -24.70
C ALA B 247 3.49 -13.34 -25.96
N ARG B 248 2.75 -14.39 -26.26
CA ARG B 248 2.98 -15.27 -27.45
C ARG B 248 2.79 -14.51 -28.75
N ALA B 249 1.80 -13.61 -28.82
CA ALA B 249 1.44 -12.86 -30.04
C ALA B 249 2.58 -11.90 -30.44
N ARG B 250 3.22 -11.21 -29.48
CA ARG B 250 4.38 -10.35 -29.85
C ARG B 250 5.68 -11.16 -29.84
N GLY B 251 5.68 -12.45 -29.55
CA GLY B 251 6.91 -13.26 -29.57
C GLY B 251 7.82 -12.94 -28.38
N ALA B 252 7.26 -12.66 -27.22
CA ALA B 252 8.06 -12.39 -26.00
C ALA B 252 8.88 -13.63 -25.60
N ARG B 253 10.06 -13.39 -25.05
CA ARG B 253 10.83 -14.37 -24.25
C ARG B 253 10.10 -14.49 -22.90
N ILE B 254 9.73 -15.71 -22.54
CA ILE B 254 8.96 -16.03 -21.32
C ILE B 254 9.94 -16.69 -20.37
N TYR B 255 10.25 -16.11 -19.21
CA TYR B 255 11.13 -16.76 -18.22
C TYR B 255 10.42 -17.95 -17.54
N ALA B 256 9.16 -17.79 -17.16
CA ALA B 256 8.44 -18.70 -16.26
C ALA B 256 6.99 -18.26 -16.20
N GLU B 257 6.11 -19.12 -15.70
CA GLU B 257 4.68 -18.80 -15.47
C GLU B 257 4.47 -18.65 -13.97
N LEU B 258 3.76 -17.60 -13.58
CA LEU B 258 3.21 -17.38 -12.23
C LEU B 258 1.87 -18.12 -12.13
N VAL B 259 1.82 -19.26 -11.44
CA VAL B 259 0.62 -20.16 -11.43
C VAL B 259 -0.21 -20.00 -10.15
N GLY B 260 0.38 -19.49 -9.06
CA GLY B 260 -0.25 -19.45 -7.72
C GLY B 260 0.14 -18.21 -6.90
N PHE B 261 -0.83 -17.69 -6.16
CA PHE B 261 -0.59 -16.63 -5.15
C PHE B 261 -1.42 -16.91 -3.90
N GLY B 262 -0.73 -16.99 -2.76
CA GLY B 262 -1.32 -17.15 -1.43
C GLY B 262 -1.06 -15.96 -0.52
N MET B 263 -2.08 -15.64 0.29
CA MET B 263 -2.09 -14.60 1.33
C MET B 263 -2.72 -15.22 2.58
N SER B 264 -2.31 -14.75 3.73
CA SER B 264 -2.88 -15.15 5.03
C SER B 264 -2.38 -14.14 6.07
N GLY B 265 -3.09 -14.06 7.17
CA GLY B 265 -2.69 -13.32 8.36
C GLY B 265 -2.50 -14.31 9.47
N ASP B 266 -1.37 -14.25 10.19
CA ASP B 266 -1.13 -15.01 11.44
C ASP B 266 -2.22 -14.69 12.49
N ALA B 267 -2.63 -13.42 12.58
CA ALA B 267 -3.46 -12.87 13.69
C ALA B 267 -2.81 -13.22 15.04
N PHE B 268 -1.47 -13.14 15.13
CA PHE B 268 -0.70 -13.64 16.27
C PHE B 268 -0.06 -12.50 17.07
N HIS B 269 0.95 -11.82 16.51
CA HIS B 269 1.79 -10.83 17.22
C HIS B 269 2.28 -9.80 16.19
N MET B 270 2.73 -8.63 16.67
CA MET B 270 2.99 -7.43 15.82
C MET B 270 4.27 -7.64 15.01
N THR B 271 5.24 -8.38 15.56
CA THR B 271 6.56 -8.61 14.94
C THR B 271 7.00 -10.07 14.97
N ALA B 272 6.45 -10.91 15.86
CA ALA B 272 6.86 -12.32 16.06
C ALA B 272 5.88 -13.24 15.37
N PRO B 273 6.37 -14.30 14.67
CA PRO B 273 5.48 -15.29 14.07
C PRO B 273 5.10 -16.33 15.11
N PRO B 274 3.99 -17.08 14.96
CA PRO B 274 3.75 -18.23 15.84
C PRO B 274 4.86 -19.27 15.69
N GLU B 275 5.23 -19.99 16.74
CA GLU B 275 6.39 -20.92 16.77
C GLU B 275 6.21 -22.03 15.72
N ASP B 276 4.98 -22.48 15.47
CA ASP B 276 4.63 -23.58 14.54
C ASP B 276 4.41 -23.07 13.11
N GLY B 277 4.55 -21.76 12.86
CA GLY B 277 4.36 -21.16 11.51
C GLY B 277 2.99 -21.45 10.95
N ALA B 278 1.95 -21.52 11.78
CA ALA B 278 0.61 -21.90 11.32
C ALA B 278 0.16 -20.96 10.16
N GLY B 279 0.57 -19.70 10.20
CA GLY B 279 0.13 -18.71 9.20
C GLY B 279 0.87 -18.90 7.90
N ALA B 280 2.17 -19.11 7.96
CA ALA B 280 2.98 -19.42 6.75
C ALA B 280 2.47 -20.73 6.13
N ALA B 281 2.08 -21.72 6.95
CA ALA B 281 1.46 -22.98 6.45
C ALA B 281 0.15 -22.69 5.68
N ARG B 282 -0.79 -21.94 6.25
CA ARG B 282 -2.09 -21.61 5.57
C ARG B 282 -1.82 -20.90 4.25
N CYS B 283 -0.91 -19.95 4.27
CA CYS B 283 -0.51 -19.15 3.10
C CYS B 283 0.03 -20.07 2.00
N MET B 284 0.98 -20.95 2.31
CA MET B 284 1.56 -21.86 1.27
C MET B 284 0.47 -22.79 0.70
N LYS B 285 -0.35 -23.41 1.56
CA LYS B 285 -1.52 -24.24 1.15
C LYS B 285 -2.44 -23.40 0.26
N ASN B 286 -2.71 -22.15 0.64
CA ASN B 286 -3.57 -21.26 -0.17
C ASN B 286 -2.94 -21.07 -1.55
N ALA B 287 -1.63 -20.86 -1.63
CA ALA B 287 -0.89 -20.66 -2.90
C ALA B 287 -0.95 -21.91 -3.78
N LEU B 288 -0.77 -23.09 -3.19
CA LEU B 288 -0.79 -24.38 -3.91
C LEU B 288 -2.20 -24.66 -4.43
N ARG B 289 -3.24 -24.51 -3.60
CA ARG B 289 -4.65 -24.63 -4.04
C ARG B 289 -4.89 -23.66 -5.20
N ASP B 290 -4.48 -22.40 -5.06
CA ASP B 290 -4.61 -21.37 -6.10
C ASP B 290 -4.03 -21.90 -7.40
N ALA B 291 -2.86 -22.55 -7.35
CA ALA B 291 -2.14 -23.11 -8.50
C ALA B 291 -2.77 -24.43 -8.98
N GLY B 292 -3.69 -25.03 -8.24
CA GLY B 292 -4.19 -26.40 -8.48
C GLY B 292 -3.08 -27.44 -8.37
N LEU B 293 -2.14 -27.25 -7.45
CA LEU B 293 -0.98 -28.17 -7.31
C LEU B 293 -1.03 -28.86 -5.95
N ASP B 294 -0.53 -30.09 -5.92
N ASP B 294 -0.58 -30.12 -5.91
CA ASP B 294 -0.32 -30.92 -4.71
CA ASP B 294 -0.35 -30.88 -4.65
C ASP B 294 1.02 -30.48 -4.10
C ASP B 294 1.01 -30.46 -4.10
N PRO B 295 1.18 -30.40 -2.77
CA PRO B 295 2.47 -30.04 -2.18
C PRO B 295 3.68 -30.82 -2.74
N ARG B 296 3.46 -32.09 -3.12
CA ARG B 296 4.48 -33.04 -3.65
C ARG B 296 5.14 -32.50 -4.92
N GLN B 297 4.47 -31.64 -5.68
CA GLN B 297 5.01 -31.10 -6.95
C GLN B 297 6.04 -29.98 -6.71
N VAL B 298 6.18 -29.48 -5.48
CA VAL B 298 7.13 -28.37 -5.19
C VAL B 298 8.56 -28.92 -5.08
N ASP B 299 9.47 -28.24 -5.77
CA ASP B 299 10.87 -28.64 -5.95
C ASP B 299 11.80 -27.72 -5.17
N TYR B 300 11.53 -26.41 -5.21
CA TYR B 300 12.43 -25.36 -4.67
C TYR B 300 11.57 -24.32 -3.92
N ILE B 301 11.97 -23.95 -2.72
CA ILE B 301 11.38 -22.83 -1.94
C ILE B 301 12.49 -21.83 -1.68
N ASN B 302 12.29 -20.59 -2.13
CA ASN B 302 13.07 -19.44 -1.63
C ASN B 302 12.35 -19.01 -0.36
N ALA B 303 12.95 -19.35 0.78
CA ALA B 303 12.46 -19.07 2.15
C ALA B 303 12.42 -17.57 2.37
N HIS B 304 11.63 -17.13 3.32
CA HIS B 304 11.78 -15.77 3.89
C HIS B 304 13.18 -15.73 4.55
N GLY B 305 13.48 -16.64 5.48
CA GLY B 305 14.86 -16.92 5.94
C GLY B 305 15.65 -15.69 6.38
N THR B 306 15.09 -14.89 7.29
CA THR B 306 15.61 -13.56 7.70
C THR B 306 16.84 -13.70 8.61
N SER B 307 17.04 -14.84 9.28
CA SER B 307 18.09 -15.05 10.31
C SER B 307 17.65 -14.50 11.68
N THR B 308 16.36 -14.35 11.96
CA THR B 308 15.83 -14.10 13.33
C THR B 308 15.59 -15.45 13.99
N PRO B 309 15.92 -15.62 15.31
CA PRO B 309 15.72 -16.91 15.98
C PRO B 309 14.35 -17.54 15.70
N ALA B 310 13.26 -16.79 15.85
CA ALA B 310 11.88 -17.34 15.85
C ALA B 310 11.40 -17.51 14.41
N GLY B 311 11.79 -16.60 13.50
CA GLY B 311 11.40 -16.60 12.07
C GLY B 311 11.86 -17.87 11.38
N ASP B 312 13.15 -18.20 11.49
CA ASP B 312 13.76 -19.32 10.74
C ASP B 312 13.09 -20.62 11.20
N ILE B 313 12.87 -20.77 12.52
CA ILE B 313 12.35 -22.03 13.11
C ILE B 313 10.86 -22.19 12.73
N ALA B 314 10.06 -21.13 12.75
CA ALA B 314 8.65 -21.15 12.30
C ALA B 314 8.50 -21.61 10.84
N GLU B 315 9.42 -21.19 9.96
N GLU B 315 9.43 -21.18 9.98
CA GLU B 315 9.40 -21.56 8.52
CA GLU B 315 9.45 -21.53 8.54
C GLU B 315 9.70 -23.06 8.37
C GLU B 315 9.70 -23.03 8.37
N ILE B 316 10.61 -23.61 9.17
CA ILE B 316 10.90 -25.08 9.18
C ILE B 316 9.59 -25.79 9.55
N ALA B 317 8.98 -25.40 10.65
CA ALA B 317 7.73 -26.05 11.13
C ALA B 317 6.64 -25.99 10.04
N ALA B 318 6.51 -24.82 9.42
CA ALA B 318 5.48 -24.54 8.40
C ALA B 318 5.68 -25.47 7.18
N VAL B 319 6.88 -25.55 6.65
CA VAL B 319 7.22 -26.48 5.52
C VAL B 319 6.94 -27.94 5.93
N LYS B 320 7.39 -28.39 7.12
CA LYS B 320 7.18 -29.80 7.57
C LYS B 320 5.69 -30.07 7.63
N SER B 321 4.92 -29.12 8.16
CA SER B 321 3.43 -29.20 8.23
C SER B 321 2.82 -29.28 6.83
N VAL B 322 3.23 -28.40 5.91
CA VAL B 322 2.59 -28.38 4.58
C VAL B 322 3.00 -29.62 3.76
N PHE B 323 4.27 -30.00 3.81
CA PHE B 323 4.86 -30.90 2.79
C PHE B 323 5.02 -32.33 3.31
N GLY B 324 4.74 -32.59 4.60
CA GLY B 324 4.70 -33.96 5.16
C GLY B 324 5.95 -34.69 4.70
N GLU B 325 5.80 -35.81 3.99
CA GLU B 325 6.92 -36.72 3.63
C GLU B 325 7.67 -36.20 2.39
N HIS B 326 7.29 -35.07 1.82
CA HIS B 326 8.01 -34.44 0.68
C HIS B 326 8.94 -33.32 1.17
N ALA B 327 8.85 -32.94 2.45
CA ALA B 327 9.52 -31.78 3.07
C ALA B 327 11.05 -31.84 2.94
N HIS B 328 11.64 -33.04 2.90
CA HIS B 328 13.10 -33.26 2.78
C HIS B 328 13.51 -33.31 1.31
N ALA B 329 12.58 -33.65 0.41
CA ALA B 329 12.87 -33.88 -1.03
C ALA B 329 13.09 -32.52 -1.71
N LEU B 330 12.21 -31.55 -1.43
CA LEU B 330 12.40 -30.17 -1.92
C LEU B 330 13.69 -29.61 -1.31
N SER B 331 14.30 -28.68 -2.03
CA SER B 331 15.38 -27.79 -1.58
C SER B 331 14.79 -26.48 -1.12
N MET B 332 15.24 -25.97 0.01
CA MET B 332 14.80 -24.65 0.52
C MET B 332 16.03 -23.84 0.93
N SER B 333 16.23 -22.64 0.37
CA SER B 333 17.36 -21.77 0.74
C SER B 333 16.92 -20.33 1.03
N SER B 334 17.70 -19.65 1.83
CA SER B 334 17.57 -18.20 2.07
C SER B 334 18.69 -17.49 1.30
N THR B 335 18.30 -16.81 0.23
CA THR B 335 19.21 -15.89 -0.47
C THR B 335 19.50 -14.69 0.47
N LYS B 336 18.74 -14.48 1.54
CA LYS B 336 19.08 -13.41 2.52
C LYS B 336 20.42 -13.71 3.20
N SER B 337 20.92 -14.96 3.11
CA SER B 337 22.25 -15.35 3.62
C SER B 337 23.35 -14.53 2.92
N MET B 338 23.07 -14.10 1.69
CA MET B 338 23.98 -13.28 0.83
C MET B 338 23.53 -11.81 0.69
N THR B 339 22.24 -11.55 0.43
CA THR B 339 21.69 -10.20 0.11
C THR B 339 21.38 -9.38 1.38
N GLY B 340 21.15 -10.05 2.49
CA GLY B 340 20.46 -9.46 3.63
C GLY B 340 18.99 -9.32 3.29
N HIS B 341 18.30 -8.60 4.14
CA HIS B 341 16.83 -8.44 4.14
C HIS B 341 16.54 -7.10 3.50
N LEU B 342 16.10 -7.07 2.23
CA LEU B 342 15.69 -5.81 1.50
C LEU B 342 14.28 -5.33 1.90
N LEU B 343 13.71 -5.93 2.97
CA LEU B 343 12.40 -5.54 3.55
C LEU B 343 11.30 -5.61 2.46
N GLY B 344 10.67 -4.49 2.10
CA GLY B 344 9.63 -4.45 1.07
C GLY B 344 10.10 -4.93 -0.30
N ALA B 345 11.40 -4.89 -0.60
CA ALA B 345 11.94 -5.33 -1.90
C ALA B 345 12.37 -6.79 -1.83
N ALA B 346 12.43 -7.36 -0.63
CA ALA B 346 12.84 -8.76 -0.40
C ALA B 346 12.05 -9.69 -1.33
N GLY B 347 10.74 -9.57 -1.37
CA GLY B 347 9.90 -10.53 -2.11
C GLY B 347 10.06 -10.36 -3.60
N ALA B 348 10.45 -9.16 -4.05
CA ALA B 348 10.63 -8.87 -5.49
C ALA B 348 11.91 -9.55 -5.99
N VAL B 349 13.04 -9.30 -5.31
CA VAL B 349 14.33 -9.85 -5.76
C VAL B 349 14.29 -11.37 -5.58
N GLU B 350 13.56 -11.89 -4.59
CA GLU B 350 13.55 -13.34 -4.30
C GLU B 350 12.62 -14.07 -5.28
N ALA B 351 11.56 -13.42 -5.79
CA ALA B 351 10.75 -13.88 -6.94
C ALA B 351 11.65 -14.02 -8.18
N ILE B 352 12.48 -13.00 -8.45
CA ILE B 352 13.45 -13.04 -9.58
C ILE B 352 14.40 -14.24 -9.39
N PHE B 353 14.91 -14.47 -8.18
CA PHE B 353 15.87 -15.57 -7.93
C PHE B 353 15.13 -16.89 -8.08
N SER B 354 13.82 -16.93 -7.77
CA SER B 354 12.98 -18.15 -7.92
C SER B 354 12.78 -18.45 -9.39
N VAL B 355 12.53 -17.42 -10.19
CA VAL B 355 12.37 -17.56 -11.66
C VAL B 355 13.70 -18.07 -12.24
N LEU B 356 14.84 -17.50 -11.84
CA LEU B 356 16.15 -17.89 -12.43
C LEU B 356 16.55 -19.28 -11.94
N ALA B 357 16.09 -19.71 -10.78
CA ALA B 357 16.31 -21.10 -10.28
C ALA B 357 15.63 -22.07 -11.25
N LEU B 358 14.48 -21.69 -11.79
CA LEU B 358 13.76 -22.51 -12.77
C LEU B 358 14.47 -22.48 -14.13
N ARG B 359 14.88 -21.30 -14.60
CA ARG B 359 15.58 -21.16 -15.90
C ARG B 359 16.86 -22.00 -15.82
N ASP B 360 17.61 -21.96 -14.71
CA ASP B 360 19.01 -22.48 -14.69
C ASP B 360 19.07 -23.83 -13.95
N GLN B 361 17.94 -24.32 -13.44
CA GLN B 361 17.81 -25.62 -12.75
C GLN B 361 18.86 -25.72 -11.65
N VAL B 362 18.89 -24.75 -10.75
CA VAL B 362 19.88 -24.72 -9.64
C VAL B 362 19.22 -24.06 -8.43
N ALA B 363 19.40 -24.65 -7.25
CA ALA B 363 18.93 -24.08 -5.97
C ALA B 363 20.08 -23.24 -5.42
N PRO B 364 19.86 -21.92 -5.26
CA PRO B 364 20.81 -21.04 -4.59
C PRO B 364 21.14 -21.50 -3.20
N PRO B 365 22.37 -21.20 -2.71
CA PRO B 365 22.80 -21.67 -1.40
C PRO B 365 22.23 -20.82 -0.25
N THR B 366 22.15 -21.40 0.93
CA THR B 366 22.12 -20.67 2.22
C THR B 366 23.56 -20.64 2.70
N ILE B 367 24.32 -19.56 2.48
CA ILE B 367 25.70 -19.47 3.00
C ILE B 367 25.64 -19.30 4.53
N ASN B 368 26.75 -19.59 5.22
CA ASN B 368 26.93 -19.34 6.68
C ASN B 368 26.21 -20.42 7.52
N LEU B 369 25.55 -21.41 6.91
CA LEU B 369 24.77 -22.44 7.64
C LEU B 369 25.78 -23.51 8.10
N ASP B 370 26.61 -23.13 9.07
CA ASP B 370 27.76 -23.93 9.57
C ASP B 370 27.24 -24.97 10.54
N ASN B 371 26.24 -24.62 11.35
CA ASN B 371 25.69 -25.47 12.42
C ASN B 371 24.17 -25.31 12.46
N PRO B 372 23.45 -26.03 11.57
CA PRO B 372 21.99 -26.03 11.61
C PRO B 372 21.53 -26.13 13.06
N ASP B 373 20.42 -25.48 13.37
CA ASP B 373 19.88 -25.42 14.75
C ASP B 373 18.98 -26.65 14.95
N GLU B 374 18.42 -26.79 16.15
CA GLU B 374 17.50 -27.89 16.53
C GLU B 374 16.36 -27.94 15.50
N GLY B 375 16.21 -29.07 14.84
CA GLY B 375 15.07 -29.31 13.95
C GLY B 375 15.27 -28.75 12.55
N CYS B 376 16.43 -28.15 12.25
CA CYS B 376 16.75 -27.51 10.95
C CYS B 376 17.46 -28.56 10.09
N ASP B 377 16.77 -29.65 9.82
CA ASP B 377 17.39 -30.86 9.23
C ASP B 377 16.86 -31.08 7.80
N LEU B 378 16.17 -30.09 7.23
CA LEU B 378 15.71 -30.07 5.81
C LEU B 378 16.91 -29.87 4.88
N ASP B 379 16.69 -29.97 3.57
CA ASP B 379 17.73 -29.68 2.56
C ASP B 379 17.77 -28.15 2.43
N LEU B 380 18.63 -27.47 3.19
CA LEU B 380 18.67 -25.98 3.22
C LEU B 380 19.78 -25.46 2.32
N VAL B 381 20.34 -26.34 1.47
CA VAL B 381 21.35 -26.01 0.44
C VAL B 381 22.49 -25.23 1.11
N ALA B 382 23.01 -25.76 2.22
CA ALA B 382 24.11 -25.13 2.98
C ALA B 382 25.32 -24.92 2.06
N HIS B 383 25.87 -23.71 2.10
CA HIS B 383 27.24 -23.33 1.63
C HIS B 383 27.30 -23.14 0.12
N GLU B 384 26.77 -24.03 -0.71
CA GLU B 384 27.03 -23.99 -2.19
C GLU B 384 25.74 -24.21 -2.98
N ALA B 385 25.67 -23.64 -4.18
CA ALA B 385 24.59 -23.86 -5.17
C ALA B 385 24.45 -25.35 -5.42
N LYS B 386 23.22 -25.82 -5.62
CA LYS B 386 22.93 -27.24 -5.93
C LYS B 386 22.14 -27.32 -7.24
N PRO B 387 22.76 -27.78 -8.35
CA PRO B 387 22.04 -28.09 -9.57
C PRO B 387 21.01 -29.18 -9.28
N ARG B 388 19.80 -29.09 -9.80
CA ARG B 388 18.77 -30.13 -9.52
C ARG B 388 17.59 -29.86 -10.42
N LYS B 389 16.69 -30.84 -10.52
CA LYS B 389 15.39 -30.67 -11.21
C LYS B 389 14.51 -29.70 -10.42
N ILE B 390 14.00 -28.70 -11.10
CA ILE B 390 13.06 -27.73 -10.49
C ILE B 390 12.00 -27.45 -11.53
N ASP B 391 10.79 -27.97 -11.31
CA ASP B 391 9.62 -27.65 -12.16
C ASP B 391 8.77 -26.55 -11.51
N VAL B 392 8.70 -26.52 -10.18
CA VAL B 392 7.82 -25.63 -9.39
C VAL B 392 8.65 -25.03 -8.24
N ALA B 393 8.63 -23.70 -8.12
CA ALA B 393 9.40 -22.93 -7.11
C ALA B 393 8.44 -22.03 -6.34
N LEU B 394 8.55 -21.99 -5.01
CA LEU B 394 7.75 -21.12 -4.13
C LEU B 394 8.67 -19.99 -3.64
N SER B 395 8.09 -18.79 -3.51
CA SER B 395 8.76 -17.66 -2.82
C SER B 395 7.86 -17.23 -1.68
N ASN B 396 8.39 -17.26 -0.47
CA ASN B 396 7.65 -16.94 0.77
C ASN B 396 8.13 -15.60 1.30
N SER B 397 7.20 -14.81 1.81
CA SER B 397 7.45 -13.60 2.63
C SER B 397 6.47 -13.59 3.82
N PHE B 398 7.02 -13.42 5.02
CA PHE B 398 6.27 -13.38 6.30
C PHE B 398 6.75 -12.12 7.03
N GLY B 399 5.91 -11.11 7.17
CA GLY B 399 6.29 -9.79 7.69
C GLY B 399 5.49 -9.35 8.91
N PHE B 400 5.89 -8.21 9.47
CA PHE B 400 5.31 -7.55 10.64
C PHE B 400 3.82 -7.44 10.42
N GLY B 401 3.06 -7.59 11.50
CA GLY B 401 1.60 -7.60 11.50
C GLY B 401 1.08 -8.97 11.15
N GLY B 402 1.98 -9.95 11.05
CA GLY B 402 1.69 -11.35 10.70
C GLY B 402 1.10 -11.50 9.32
N THR B 403 1.56 -10.67 8.39
CA THR B 403 1.07 -10.67 6.99
C THR B 403 1.98 -11.60 6.19
N ASN B 404 1.39 -12.56 5.50
CA ASN B 404 2.09 -13.66 4.77
C ASN B 404 1.76 -13.58 3.28
N GLY B 405 2.75 -13.91 2.47
CA GLY B 405 2.65 -13.94 1.02
C GLY B 405 3.39 -15.16 0.46
N THR B 406 2.80 -15.84 -0.52
CA THR B 406 3.46 -16.96 -1.22
C THR B 406 3.13 -16.83 -2.73
N LEU B 407 4.17 -16.87 -3.56
CA LEU B 407 4.08 -16.96 -5.03
C LEU B 407 4.55 -18.37 -5.46
N VAL B 408 3.81 -19.00 -6.37
CA VAL B 408 4.18 -20.29 -7.02
C VAL B 408 4.51 -19.98 -8.49
N PHE B 409 5.75 -20.26 -8.89
CA PHE B 409 6.21 -20.22 -10.30
C PHE B 409 6.47 -21.65 -10.77
N ARG B 410 6.26 -21.85 -12.06
CA ARG B 410 6.38 -23.14 -12.77
C ARG B 410 7.17 -22.88 -14.05
N ARG B 411 8.00 -23.82 -14.49
CA ARG B 411 8.69 -23.78 -15.80
C ARG B 411 7.66 -23.63 -16.92
N PHE B 412 7.91 -22.74 -17.87
CA PHE B 412 7.11 -22.60 -19.12
C PHE B 412 7.90 -23.15 -20.32
N ALA B 413 7.41 -24.16 -21.04
CA ALA B 413 7.98 -24.66 -22.32
C ALA B 413 6.84 -25.18 -23.22
C4 GOV C . 12.47 15.71 21.39
C5 GOV C . 13.48 14.82 21.70
C6 GOV C . 14.77 15.24 22.06
C7 GOV C . 15.01 16.58 22.10
C8 GOV C . 14.00 17.51 21.77
C10 GOV C . 15.88 18.64 22.33
N GOV C . 10.64 14.05 21.81
C GOV C . 6.96 14.32 22.80
O GOV C . 14.53 18.79 21.88
C1 GOV C . 8.30 14.89 22.30
C2 GOV C . 9.18 13.74 21.73
C3 GOV C . 11.11 15.18 20.95
C9 GOV C . 12.71 17.12 21.41
O1 GOV C . 16.15 17.24 22.49
O2 GOV C . 8.11 15.86 21.33
S DMS D . -16.97 -5.79 -7.01
O DMS D . -15.80 -6.54 -7.57
C1 DMS D . -17.26 -4.40 -8.06
C2 DMS D . -18.41 -6.71 -7.52
S DMS E . -25.76 11.33 -22.02
O DMS E . -26.96 11.98 -21.33
C1 DMS E . -25.19 9.97 -20.98
C2 DMS E . -26.49 10.35 -23.34
S DMS F . 9.87 9.18 20.67
O DMS F . 11.32 8.81 20.51
C1 DMS F . 9.85 10.65 21.64
C2 DMS F . 9.18 8.06 21.88
S DMS G . 15.51 4.95 -18.60
O DMS G . 15.05 3.77 -19.41
C1 DMS G . 16.68 5.80 -19.66
C2 DMS G . 14.16 6.10 -18.70
S DMS H . 2.20 5.52 -29.76
O DMS H . 1.24 4.53 -30.46
C1 DMS H . 3.85 4.92 -30.08
C2 DMS H . 2.21 6.95 -30.82
S DMS I . -2.81 -15.61 -11.09
O DMS I . -4.07 -15.42 -10.30
C1 DMS I . -1.63 -16.29 -9.97
C2 DMS I . -3.08 -17.07 -12.08
S DMS J . 13.02 16.14 -1.77
O DMS J . 13.43 16.13 -0.33
C1 DMS J . 14.02 17.41 -2.50
C2 DMS J . 13.82 14.73 -2.51
S DMS K . 18.86 -4.24 -18.65
O DMS K . 17.39 -4.57 -18.54
C1 DMS K . 19.65 -4.72 -17.15
C2 DMS K . 19.02 -2.50 -18.50
S DMS L . 17.82 13.17 -2.93
O DMS L . 16.34 12.92 -2.90
C1 DMS L . 18.58 11.63 -3.34
C2 DMS L . 18.35 13.26 -1.24
S DMS M . 8.62 1.42 -24.52
O DMS M . 7.39 1.57 -25.38
C1 DMS M . 9.45 3.00 -24.54
C2 DMS M . 9.82 0.54 -25.50
P PO4 N . -1.61 -4.86 -28.10
O1 PO4 N . -1.86 -3.55 -28.84
O2 PO4 N . -1.43 -6.01 -29.09
O3 PO4 N . -0.32 -4.75 -27.27
O4 PO4 N . -2.81 -5.20 -27.21
#